data_2X4S
#
_entry.id   2X4S
#
_cell.length_a   62.377
_cell.length_b   84.112
_cell.length_c   80.035
_cell.angle_alpha   90.00
_cell.angle_beta   90.97
_cell.angle_gamma   90.00
#
_symmetry.space_group_name_H-M   'P 1 21 1'
#
loop_
_entity.id
_entity.type
_entity.pdbx_description
1 polymer 'HLA CLASS I HISTOCOMPATIBILITY ANTIGEN, A-2.1'
2 polymer BETA-2-MICROGLOBULIN
3 polymer 'H5N1 INFLUENZA A NUCLEOPROTEIN'
4 non-polymer GLYCEROL
5 non-polymer '2-(N-MORPHOLINO)-ETHANESULFONIC ACID'
6 water water
#
loop_
_entity_poly.entity_id
_entity_poly.type
_entity_poly.pdbx_seq_one_letter_code
_entity_poly.pdbx_strand_id
1 'polypeptide(L)'
;GSHSMRYFFTSVSRPGRGEPRFIAVGYVDDTQFVRFDSDAASQRMEPRAPWIEQEGPEYWDGETRKVKAHSQTHRVDLGT
LRGYYNQSEAGSHTVQRMYGCDVGSDWRFLRGYHQYAYDGKDYIALKEDLRSWTAADMAAQTTKHKWEAAHVAEQLRAYL
EGTCVEWLRRYLENGKETLQRTDAPKTHMTHHAVSDHEATLRCWALSFYPAEITLTWQRDGEDQTQDTELVETRPAGDGT
FQKWAAVVVPSGQEQRYTCHVQHEGLPKPLTLRWE
;
A,D
2 'polypeptide(L)'
;(MSE)IQRTPKIQVYSRHPAENGKSNFLNCYVSGFHPSDIEVDLLKNGERIEKVEHSDLSFSKDWSFYLLYYTEFTPTEK
DEYACRVNHVTLSQPKIVKWDRD(MSE)
;
B,E
3 'polypeptide(L)' AMDSNTLEL C,F
#
loop_
_chem_comp.id
_chem_comp.type
_chem_comp.name
_chem_comp.formula
GOL non-polymer GLYCEROL 'C3 H8 O3'
MES non-polymer '2-(N-MORPHOLINO)-ETHANESULFONIC ACID' 'C6 H13 N O4 S'
#
# COMPACT_ATOMS: atom_id res chain seq x y z
N GLY A 1 4.91 3.64 -0.84
CA GLY A 1 4.72 3.14 -2.18
C GLY A 1 3.95 1.83 -2.18
N SER A 2 4.26 0.94 -3.13
CA SER A 2 3.68 -0.38 -3.13
C SER A 2 4.41 -1.24 -2.12
N HIS A 3 3.73 -2.24 -1.57
CA HIS A 3 4.35 -3.17 -0.64
C HIS A 3 3.96 -4.59 -0.96
N SER A 4 4.66 -5.54 -0.38
CA SER A 4 4.42 -6.93 -0.69
C SER A 4 4.64 -7.79 0.53
N MET A 5 3.85 -8.85 0.64
CA MET A 5 4.13 -9.89 1.61
C MET A 5 4.24 -11.17 0.84
N ARG A 6 5.26 -11.98 1.13
CA ARG A 6 5.44 -13.25 0.46
C ARG A 6 5.95 -14.33 1.39
N TYR A 7 5.50 -15.56 1.16
CA TYR A 7 6.00 -16.73 1.87
C TYR A 7 6.64 -17.67 0.87
N PHE A 8 7.83 -18.17 1.21
CA PHE A 8 8.57 -19.14 0.43
C PHE A 8 8.64 -20.48 1.18
N PHE A 9 8.37 -21.58 0.48
CA PHE A 9 8.46 -22.88 1.11
C PHE A 9 9.33 -23.81 0.27
N THR A 10 10.32 -24.41 0.90
CA THR A 10 11.18 -25.37 0.22
C THR A 10 10.95 -26.69 0.91
N SER A 11 11.08 -27.77 0.15
CA SER A 11 10.85 -29.10 0.69
C SER A 11 11.67 -30.14 -0.06
N VAL A 12 12.71 -30.66 0.58
CA VAL A 12 13.62 -31.62 -0.05
C VAL A 12 13.52 -33.00 0.61
N SER A 13 13.38 -34.03 -0.23
CA SER A 13 13.34 -35.40 0.25
C SER A 13 14.71 -35.86 0.72
N ARG A 14 14.74 -36.72 1.74
CA ARG A 14 15.98 -37.32 2.21
C ARG A 14 15.89 -38.85 2.22
N PRO A 15 15.99 -39.47 1.03
CA PRO A 15 15.81 -40.91 0.84
C PRO A 15 16.58 -41.75 1.85
N GLY A 16 15.87 -42.30 2.83
CA GLY A 16 16.48 -43.19 3.81
C GLY A 16 17.09 -42.47 5.00
N ARG A 17 17.50 -41.22 4.80
CA ARG A 17 18.09 -40.41 5.85
C ARG A 17 17.06 -39.51 6.54
N GLY A 18 15.86 -40.05 6.75
CA GLY A 18 14.83 -39.37 7.52
C GLY A 18 13.74 -38.67 6.74
N GLU A 19 12.89 -37.93 7.45
CA GLU A 19 11.81 -37.15 6.85
C GLU A 19 12.33 -36.18 5.79
N PRO A 20 11.41 -35.63 4.99
CA PRO A 20 11.82 -34.56 4.09
C PRO A 20 12.10 -33.30 4.90
N ARG A 21 13.15 -32.57 4.53
CA ARG A 21 13.46 -31.29 5.13
C ARG A 21 12.46 -30.25 4.65
N PHE A 22 12.12 -29.31 5.52
CA PHE A 22 11.13 -28.32 5.17
C PHE A 22 11.49 -26.98 5.79
N ILE A 23 11.58 -25.97 4.94
CA ILE A 23 12.02 -24.65 5.35
C ILE A 23 11.05 -23.59 4.87
N ALA A 24 10.44 -22.87 5.80
CA ALA A 24 9.52 -21.82 5.42
C ALA A 24 10.04 -20.47 5.88
N VAL A 25 10.01 -19.49 4.98
CA VAL A 25 10.39 -18.12 5.31
C VAL A 25 9.32 -17.14 4.85
N GLY A 26 9.21 -16.01 5.53
CA GLY A 26 8.21 -15.03 5.18
C GLY A 26 8.81 -13.64 5.22
N TYR A 27 8.59 -12.88 4.16
CA TYR A 27 9.12 -11.53 4.05
C TYR A 27 7.99 -10.53 3.96
N VAL A 28 8.19 -9.34 4.50
CA VAL A 28 7.46 -8.16 4.05
C VAL A 28 8.48 -7.36 3.26
N ASP A 29 8.17 -7.08 1.99
CA ASP A 29 9.11 -6.44 1.09
C ASP A 29 10.43 -7.23 0.98
N ASP A 30 11.55 -6.64 1.35
CA ASP A 30 12.83 -7.36 1.32
C ASP A 30 13.32 -7.69 2.73
N THR A 31 12.38 -7.76 3.67
CA THR A 31 12.68 -7.98 5.08
C THR A 31 12.06 -9.27 5.58
N GLN A 32 12.89 -10.22 5.99
CA GLN A 32 12.40 -11.47 6.56
C GLN A 32 11.87 -11.24 7.96
N PHE A 33 10.71 -11.80 8.27
CA PHE A 33 10.17 -11.64 9.61
C PHE A 33 9.88 -12.95 10.36
N VAL A 34 9.70 -14.05 9.64
CA VAL A 34 9.50 -15.33 10.31
C VAL A 34 10.23 -16.46 9.61
N ARG A 35 10.44 -17.55 10.34
CA ARG A 35 11.01 -18.76 9.75
C ARG A 35 10.49 -20.00 10.43
N PHE A 36 10.60 -21.12 9.72
CA PHE A 36 10.38 -22.42 10.32
C PHE A 36 11.31 -23.40 9.63
N ASP A 37 12.21 -24.00 10.40
CA ASP A 37 13.04 -25.07 9.90
C ASP A 37 12.70 -26.39 10.58
N SER A 38 12.39 -27.40 9.79
CA SER A 38 11.99 -28.71 10.32
C SER A 38 13.13 -29.36 11.08
N ASP A 39 14.35 -28.95 10.78
CA ASP A 39 15.52 -29.48 11.48
C ASP A 39 15.95 -28.61 12.67
N ALA A 40 15.26 -27.49 12.90
CA ALA A 40 15.57 -26.66 14.06
C ALA A 40 14.97 -27.30 15.31
N ALA A 41 15.63 -27.05 16.45
CA ALA A 41 15.20 -27.63 17.72
C ALA A 41 13.73 -27.34 18.08
N SER A 42 13.36 -26.07 18.07
CA SER A 42 12.05 -25.64 18.58
C SER A 42 10.85 -26.34 17.95
N GLN A 43 10.89 -26.55 16.63
CA GLN A 43 9.72 -27.08 15.93
C GLN A 43 8.56 -26.11 16.04
N ARG A 44 8.89 -24.82 16.12
CA ARG A 44 7.91 -23.74 16.07
C ARG A 44 8.29 -22.75 14.98
N MET A 45 7.33 -21.91 14.60
CA MET A 45 7.60 -20.73 13.79
C MET A 45 8.32 -19.71 14.67
N GLU A 46 9.45 -19.20 14.21
CA GLU A 46 10.19 -18.22 14.99
C GLU A 46 10.21 -16.87 14.28
N PRO A 47 10.34 -15.78 15.04
CA PRO A 47 10.43 -14.44 14.45
C PRO A 47 11.84 -14.14 13.92
N ARG A 48 11.95 -13.10 13.09
CA ARG A 48 13.24 -12.67 12.54
C ARG A 48 13.26 -11.16 12.40
N ALA A 49 12.10 -10.53 12.58
CA ALA A 49 12.02 -9.09 12.60
C ALA A 49 11.64 -8.64 14.01
N PRO A 50 12.06 -7.44 14.41
CA PRO A 50 11.77 -6.93 15.76
C PRO A 50 10.28 -6.66 15.94
N TRP A 51 9.61 -6.22 14.89
CA TRP A 51 8.22 -5.78 14.99
C TRP A 51 7.22 -6.93 15.12
N ILE A 52 7.68 -8.15 14.92
CA ILE A 52 6.79 -9.31 14.99
C ILE A 52 6.98 -10.05 16.33
N GLU A 53 8.05 -9.70 17.03
CA GLU A 53 8.36 -10.34 18.31
C GLU A 53 7.15 -10.30 19.25
N GLN A 54 6.54 -9.13 19.37
CA GLN A 54 5.38 -8.96 20.24
C GLN A 54 4.08 -9.14 19.46
N GLU A 55 3.69 -10.39 19.25
CA GLU A 55 2.47 -10.70 18.52
C GLU A 55 1.56 -11.60 19.34
N GLY A 56 2.04 -12.03 20.49
CA GLY A 56 1.26 -12.91 21.37
C GLY A 56 1.43 -14.38 21.01
N PRO A 57 1.20 -15.24 21.99
CA PRO A 57 1.34 -16.69 21.78
C PRO A 57 0.28 -17.22 20.81
N GLU A 58 -0.94 -16.70 20.92
CA GLU A 58 -2.03 -17.12 20.06
C GLU A 58 -1.63 -17.05 18.58
N TYR A 59 -0.92 -15.97 18.23
CA TYR A 59 -0.47 -15.78 16.85
C TYR A 59 0.60 -16.80 16.47
N TRP A 60 1.49 -17.09 17.41
CA TRP A 60 2.56 -18.06 17.17
C TRP A 60 2.01 -19.48 17.04
N ASP A 61 1.12 -19.85 17.95
CA ASP A 61 0.52 -21.17 17.94
C ASP A 61 -0.25 -21.34 16.63
N GLY A 62 -0.92 -20.27 16.21
CA GLY A 62 -1.60 -20.27 14.94
C GLY A 62 -0.63 -20.56 13.82
N GLU A 63 0.37 -19.68 13.68
CA GLU A 63 1.30 -19.79 12.55
C GLU A 63 2.08 -21.10 12.55
N THR A 64 2.42 -21.59 13.74
CA THR A 64 3.15 -22.85 13.84
C THR A 64 2.25 -23.98 13.39
N ARG A 65 1.01 -23.94 13.85
CA ARG A 65 0.05 -24.99 13.57
C ARG A 65 -0.18 -25.08 12.07
N LYS A 66 -0.19 -23.93 11.40
CA LYS A 66 -0.50 -23.92 9.98
C LYS A 66 0.74 -24.11 9.11
N VAL A 67 1.92 -23.81 9.64
CA VAL A 67 3.17 -24.11 8.93
C VAL A 67 3.45 -25.60 9.00
N LYS A 68 3.06 -26.20 10.12
CA LYS A 68 3.27 -27.63 10.27
C LYS A 68 2.39 -28.38 9.27
N ALA A 69 1.19 -27.86 9.04
CA ALA A 69 0.31 -28.43 8.04
C ALA A 69 0.93 -28.34 6.65
N HIS A 70 1.45 -27.16 6.31
CA HIS A 70 2.17 -26.97 5.04
C HIS A 70 3.29 -27.99 4.92
N SER A 71 4.04 -28.17 6.01
CA SER A 71 5.13 -29.13 6.05
C SER A 71 4.63 -30.51 5.63
N GLN A 72 3.64 -30.99 6.36
CA GLN A 72 3.09 -32.32 6.14
C GLN A 72 2.51 -32.44 4.74
N THR A 73 1.81 -31.41 4.29
CA THR A 73 1.29 -31.37 2.92
C THR A 73 2.39 -31.61 1.90
N HIS A 74 3.44 -30.80 1.96
CA HIS A 74 4.58 -30.97 1.05
C HIS A 74 5.24 -32.33 1.22
N ARG A 75 5.01 -32.96 2.38
CA ARG A 75 5.52 -34.31 2.59
C ARG A 75 4.79 -35.25 1.64
N VAL A 76 3.47 -35.22 1.67
CA VAL A 76 2.67 -35.96 0.71
C VAL A 76 3.06 -35.57 -0.72
N ASP A 77 3.09 -34.27 -1.00
CA ASP A 77 3.39 -33.72 -2.33
C ASP A 77 4.63 -34.33 -2.97
N LEU A 78 5.67 -34.54 -2.19
CA LEU A 78 6.85 -35.21 -2.70
C LEU A 78 6.50 -36.60 -3.20
N GLY A 79 5.67 -37.31 -2.44
CA GLY A 79 5.22 -38.65 -2.79
C GLY A 79 4.40 -38.69 -4.06
N THR A 80 3.46 -37.74 -4.18
CA THR A 80 2.62 -37.63 -5.36
C THR A 80 3.47 -37.56 -6.63
N LEU A 81 4.41 -36.62 -6.66
CA LEU A 81 5.18 -36.30 -7.86
C LEU A 81 6.19 -37.39 -8.25
N ARG A 82 6.68 -38.12 -7.28
CA ARG A 82 7.55 -39.25 -7.58
C ARG A 82 6.72 -40.23 -8.40
N GLY A 83 5.42 -40.25 -8.12
CA GLY A 83 4.46 -41.05 -8.87
C GLY A 83 4.27 -40.50 -10.27
N TYR A 84 3.74 -39.28 -10.37
CA TYR A 84 3.48 -38.62 -11.65
C TYR A 84 4.66 -38.76 -12.60
N TYR A 85 5.87 -38.68 -12.07
CA TYR A 85 7.07 -38.64 -12.91
C TYR A 85 7.74 -40.00 -13.01
N ASN A 86 7.13 -41.00 -12.37
CA ASN A 86 7.70 -42.33 -12.40
C ASN A 86 9.18 -42.28 -12.08
N GLN A 87 9.50 -41.86 -10.86
CA GLN A 87 10.87 -41.73 -10.42
C GLN A 87 11.17 -42.68 -9.25
N SER A 88 12.45 -43.04 -9.09
CA SER A 88 12.85 -43.91 -8.00
C SER A 88 12.76 -43.22 -6.65
N GLU A 89 12.41 -44.00 -5.64
CA GLU A 89 12.32 -43.51 -4.27
C GLU A 89 13.71 -43.45 -3.64
N ALA A 90 14.73 -43.46 -4.49
CA ALA A 90 16.13 -43.47 -4.05
C ALA A 90 16.78 -42.08 -4.11
N GLY A 91 16.33 -41.26 -5.05
CA GLY A 91 16.90 -39.94 -5.27
C GLY A 91 16.25 -38.87 -4.44
N SER A 92 16.90 -37.71 -4.38
CA SER A 92 16.38 -36.57 -3.65
C SER A 92 15.71 -35.60 -4.61
N HIS A 93 14.61 -34.99 -4.18
CA HIS A 93 13.83 -34.09 -5.03
C HIS A 93 13.35 -32.85 -4.26
N THR A 94 13.10 -31.77 -4.99
CA THR A 94 12.73 -30.52 -4.36
C THR A 94 11.35 -30.05 -4.75
N VAL A 95 10.57 -29.64 -3.76
CA VAL A 95 9.33 -28.93 -4.00
C VAL A 95 9.45 -27.52 -3.44
N GLN A 96 9.23 -26.53 -4.30
CA GLN A 96 9.28 -25.13 -3.89
C GLN A 96 7.95 -24.47 -4.19
N ARG A 97 7.53 -23.61 -3.28
CA ARG A 97 6.25 -22.94 -3.39
C ARG A 97 6.46 -21.54 -2.86
N MET A 98 5.85 -20.58 -3.54
CA MET A 98 5.91 -19.19 -3.13
C MET A 98 4.52 -18.63 -3.33
N TYR A 99 4.03 -17.88 -2.35
CA TYR A 99 2.79 -17.12 -2.53
C TYR A 99 2.80 -15.82 -1.75
N GLY A 100 2.01 -14.85 -2.22
CA GLY A 100 1.86 -13.61 -1.49
C GLY A 100 1.00 -12.58 -2.21
N CYS A 101 0.91 -11.39 -1.64
CA CYS A 101 0.15 -10.33 -2.26
C CYS A 101 0.96 -9.04 -2.29
N ASP A 102 0.67 -8.22 -3.29
CA ASP A 102 1.24 -6.89 -3.40
C ASP A 102 0.14 -5.90 -3.12
N VAL A 103 0.52 -4.76 -2.55
CA VAL A 103 -0.42 -3.68 -2.32
C VAL A 103 0.21 -2.41 -2.91
N GLY A 104 -0.63 -1.47 -3.32
CA GLY A 104 -0.18 -0.24 -3.94
C GLY A 104 0.15 0.82 -2.91
N SER A 105 0.34 2.05 -3.39
CA SER A 105 0.61 3.18 -2.50
C SER A 105 -0.55 3.43 -1.55
N ASP A 106 -1.76 3.20 -2.05
CA ASP A 106 -2.98 3.36 -1.27
C ASP A 106 -3.26 2.18 -0.35
N TRP A 107 -2.34 1.21 -0.35
CA TRP A 107 -2.48 0.03 0.50
C TRP A 107 -3.70 -0.82 0.13
N ARG A 108 -4.18 -0.66 -1.11
CA ARG A 108 -5.25 -1.50 -1.61
C ARG A 108 -4.69 -2.63 -2.47
N PHE A 109 -5.42 -3.74 -2.54
CA PHE A 109 -4.92 -4.90 -3.26
C PHE A 109 -4.41 -4.51 -4.64
N LEU A 110 -3.30 -5.11 -5.03
CA LEU A 110 -2.70 -4.85 -6.32
C LEU A 110 -2.74 -6.14 -7.14
N ARG A 111 -2.00 -7.14 -6.67
CA ARG A 111 -2.00 -8.47 -7.30
C ARG A 111 -1.59 -9.55 -6.29
N GLY A 112 -1.82 -10.81 -6.67
CA GLY A 112 -1.44 -11.95 -5.87
C GLY A 112 -0.87 -13.03 -6.76
N TYR A 113 -0.13 -13.95 -6.18
CA TYR A 113 0.57 -14.99 -6.93
C TYR A 113 0.79 -16.22 -6.05
N HIS A 114 0.91 -17.37 -6.68
CA HIS A 114 1.02 -18.64 -5.97
C HIS A 114 1.52 -19.65 -6.98
N GLN A 115 2.75 -20.15 -6.77
CA GLN A 115 3.43 -20.97 -7.76
C GLN A 115 4.21 -22.10 -7.14
N TYR A 116 4.29 -23.22 -7.86
CA TYR A 116 5.06 -24.37 -7.43
C TYR A 116 6.17 -24.66 -8.43
N ALA A 117 7.21 -25.32 -7.96
CA ALA A 117 8.28 -25.79 -8.83
C ALA A 117 8.86 -27.12 -8.34
N TYR A 118 8.82 -28.13 -9.21
CA TYR A 118 9.40 -29.42 -8.89
C TYR A 118 10.82 -29.42 -9.41
N ASP A 119 11.76 -29.73 -8.52
CA ASP A 119 13.17 -29.81 -8.88
C ASP A 119 13.67 -28.57 -9.61
N GLY A 120 13.36 -27.40 -9.04
CA GLY A 120 13.87 -26.14 -9.55
C GLY A 120 13.27 -25.73 -10.88
N LYS A 121 12.12 -26.29 -11.22
CA LYS A 121 11.47 -25.96 -12.47
C LYS A 121 9.96 -25.74 -12.31
N ASP A 122 9.39 -24.86 -13.13
CA ASP A 122 7.97 -24.51 -13.06
C ASP A 122 7.05 -25.73 -13.13
N TYR A 123 6.04 -25.75 -12.26
CA TYR A 123 5.07 -26.85 -12.24
C TYR A 123 3.65 -26.35 -12.48
N ILE A 124 3.15 -25.50 -11.58
CA ILE A 124 1.83 -24.90 -11.76
C ILE A 124 1.77 -23.53 -11.09
N ALA A 125 1.01 -22.61 -11.67
CA ALA A 125 0.94 -21.26 -11.14
C ALA A 125 -0.45 -20.66 -11.31
N LEU A 126 -0.90 -19.95 -10.28
CA LEU A 126 -2.13 -19.17 -10.36
C LEU A 126 -1.88 -18.00 -11.32
N LYS A 127 -2.87 -17.72 -12.16
CA LYS A 127 -2.76 -16.63 -13.13
C LYS A 127 -3.28 -15.31 -12.56
N GLU A 128 -2.90 -14.20 -13.21
CA GLU A 128 -3.27 -12.86 -12.76
C GLU A 128 -4.68 -12.75 -12.18
N ASP A 129 -5.64 -13.38 -12.84
CA ASP A 129 -7.05 -13.28 -12.44
C ASP A 129 -7.35 -14.04 -11.15
N LEU A 130 -6.36 -14.76 -10.64
CA LEU A 130 -6.49 -15.51 -9.39
C LEU A 130 -7.65 -16.50 -9.42
N ARG A 131 -7.82 -17.16 -10.57
CA ARG A 131 -8.87 -18.15 -10.73
C ARG A 131 -8.47 -19.24 -11.72
N SER A 132 -7.44 -18.99 -12.50
CA SER A 132 -7.02 -19.95 -13.51
C SER A 132 -5.58 -20.39 -13.27
N TRP A 133 -5.27 -21.62 -13.67
CA TRP A 133 -3.95 -22.18 -13.42
C TRP A 133 -3.16 -22.37 -14.69
N THR A 134 -1.84 -22.43 -14.55
CA THR A 134 -0.98 -22.70 -15.68
C THR A 134 -0.13 -23.92 -15.39
N ALA A 135 -0.49 -25.05 -16.01
CA ALA A 135 0.26 -26.29 -15.87
C ALA A 135 1.39 -26.33 -16.88
N ALA A 136 2.60 -26.63 -16.43
CA ALA A 136 3.76 -26.56 -17.29
C ALA A 136 4.01 -27.86 -18.02
N ASP A 137 3.49 -28.96 -17.49
CA ASP A 137 3.58 -30.26 -18.16
C ASP A 137 2.37 -31.11 -17.84
N MET A 138 2.41 -32.39 -18.22
CA MET A 138 1.26 -33.26 -18.06
C MET A 138 0.84 -33.51 -16.61
N ALA A 139 1.82 -33.78 -15.74
CA ALA A 139 1.54 -34.01 -14.33
C ALA A 139 0.90 -32.78 -13.69
N ALA A 140 1.38 -31.61 -14.08
CA ALA A 140 0.84 -30.35 -13.60
C ALA A 140 -0.59 -30.19 -14.04
N GLN A 141 -0.91 -30.69 -15.23
CA GLN A 141 -2.28 -30.66 -15.76
C GLN A 141 -3.23 -31.40 -14.81
N THR A 142 -2.77 -32.56 -14.36
CA THR A 142 -3.53 -33.39 -13.45
C THR A 142 -3.88 -32.65 -12.17
N THR A 143 -2.86 -32.09 -11.54
CA THR A 143 -3.05 -31.24 -10.36
C THR A 143 -4.05 -30.12 -10.67
N LYS A 144 -3.95 -29.55 -11.86
CA LYS A 144 -4.81 -28.46 -12.26
C LYS A 144 -6.28 -28.89 -12.31
N HIS A 145 -6.53 -30.09 -12.81
CA HIS A 145 -7.90 -30.58 -12.86
C HIS A 145 -8.37 -30.85 -11.44
N LYS A 146 -7.45 -31.30 -10.60
CA LYS A 146 -7.74 -31.66 -9.22
C LYS A 146 -8.15 -30.43 -8.44
N TRP A 147 -7.52 -29.30 -8.77
CA TRP A 147 -7.70 -28.06 -8.04
C TRP A 147 -8.87 -27.24 -8.56
N GLU A 148 -9.10 -27.30 -9.86
CA GLU A 148 -10.29 -26.68 -10.41
C GLU A 148 -11.51 -27.37 -9.80
N ALA A 149 -11.36 -28.67 -9.55
CA ALA A 149 -12.41 -29.48 -8.93
C ALA A 149 -12.78 -28.99 -7.53
N ALA A 150 -11.80 -28.88 -6.66
CA ALA A 150 -12.05 -28.50 -5.28
C ALA A 150 -12.19 -26.99 -5.11
N HIS A 151 -12.27 -26.27 -6.23
CA HIS A 151 -12.40 -24.82 -6.21
C HIS A 151 -11.26 -24.12 -5.49
N VAL A 152 -10.14 -24.84 -5.37
CA VAL A 152 -8.89 -24.31 -4.82
C VAL A 152 -8.66 -22.81 -5.02
N ALA A 153 -8.76 -22.36 -6.26
CA ALA A 153 -8.42 -20.98 -6.60
C ALA A 153 -9.42 -19.93 -6.09
N GLU A 154 -10.61 -20.37 -5.68
CA GLU A 154 -11.59 -19.46 -5.09
C GLU A 154 -11.20 -19.13 -3.65
N GLN A 155 -10.68 -20.14 -2.96
CA GLN A 155 -10.21 -19.98 -1.59
C GLN A 155 -8.91 -19.18 -1.55
N LEU A 156 -8.03 -19.43 -2.50
CA LEU A 156 -6.79 -18.67 -2.65
C LEU A 156 -7.06 -17.18 -2.81
N ARG A 157 -7.83 -16.82 -3.83
CA ARG A 157 -8.22 -15.44 -4.07
C ARG A 157 -8.69 -14.77 -2.79
N ALA A 158 -9.40 -15.51 -1.95
CA ALA A 158 -9.91 -14.97 -0.68
C ALA A 158 -8.82 -14.76 0.38
N TYR A 159 -7.74 -15.53 0.30
CA TYR A 159 -6.59 -15.30 1.16
C TYR A 159 -5.81 -14.12 0.62
N LEU A 160 -5.48 -14.19 -0.66
CA LEU A 160 -4.64 -13.19 -1.31
C LEU A 160 -5.28 -11.80 -1.35
N GLU A 161 -6.60 -11.73 -1.45
CA GLU A 161 -7.30 -10.45 -1.54
C GLU A 161 -7.72 -9.88 -0.19
N GLY A 162 -7.66 -10.70 0.85
CA GLY A 162 -8.10 -10.26 2.16
C GLY A 162 -7.09 -10.54 3.26
N THR A 163 -7.17 -11.72 3.85
CA THR A 163 -6.26 -12.10 4.93
C THR A 163 -4.87 -11.55 4.67
N CYS A 164 -4.36 -11.84 3.48
CA CYS A 164 -3.00 -11.45 3.14
C CYS A 164 -2.79 -9.94 3.20
N VAL A 165 -3.64 -9.17 2.52
CA VAL A 165 -3.54 -7.72 2.57
C VAL A 165 -3.87 -7.18 3.97
N GLU A 166 -4.94 -7.69 4.56
CA GLU A 166 -5.27 -7.34 5.94
C GLU A 166 -4.03 -7.43 6.82
N TRP A 167 -3.32 -8.56 6.77
CA TRP A 167 -2.16 -8.80 7.62
C TRP A 167 -0.91 -8.01 7.22
N LEU A 168 -0.75 -7.77 5.93
CA LEU A 168 0.36 -6.97 5.42
C LEU A 168 0.27 -5.55 5.98
N ARG A 169 -0.94 -5.01 6.00
CA ARG A 169 -1.16 -3.65 6.51
C ARG A 169 -0.86 -3.61 8.00
N ARG A 170 -1.23 -4.67 8.72
CA ARG A 170 -0.91 -4.76 10.13
C ARG A 170 0.59 -4.70 10.33
N TYR A 171 1.30 -5.60 9.66
CA TYR A 171 2.75 -5.64 9.73
C TYR A 171 3.36 -4.28 9.41
N LEU A 172 2.88 -3.66 8.33
CA LEU A 172 3.41 -2.38 7.88
C LEU A 172 3.23 -1.27 8.90
N GLU A 173 2.19 -1.38 9.72
CA GLU A 173 1.93 -0.38 10.74
C GLU A 173 2.72 -0.65 12.02
N ASN A 174 2.86 -1.93 12.35
CA ASN A 174 3.61 -2.36 13.52
C ASN A 174 5.11 -2.10 13.35
N GLY A 175 5.62 -2.45 12.17
CA GLY A 175 7.02 -2.23 11.86
C GLY A 175 7.16 -1.00 11.00
N LYS A 176 6.44 0.05 11.34
CA LYS A 176 6.49 1.28 10.55
C LYS A 176 7.92 1.78 10.42
N GLU A 177 8.58 1.95 11.57
CA GLU A 177 9.95 2.46 11.58
C GLU A 177 10.88 1.71 10.65
N THR A 178 10.61 0.44 10.43
CA THR A 178 11.45 -0.42 9.63
C THR A 178 10.96 -0.58 8.19
N LEU A 179 9.77 -1.11 8.03
CA LEU A 179 9.28 -1.47 6.72
C LEU A 179 8.92 -0.26 5.86
N GLN A 180 8.48 0.83 6.50
CA GLN A 180 8.05 1.99 5.74
C GLN A 180 9.16 2.96 5.38
N ARG A 181 10.40 2.62 5.72
CA ARG A 181 11.54 3.47 5.42
C ARG A 181 12.08 3.18 4.02
N THR A 182 12.96 4.05 3.55
CA THR A 182 13.82 3.77 2.42
C THR A 182 15.16 4.42 2.69
N ASP A 183 16.22 3.62 2.68
CA ASP A 183 17.57 4.13 2.84
C ASP A 183 18.19 4.35 1.48
N ALA A 184 18.61 5.58 1.22
CA ALA A 184 19.29 5.91 -0.03
C ALA A 184 20.69 5.28 -0.01
N PRO A 185 21.18 4.89 -1.19
CA PRO A 185 22.53 4.32 -1.29
C PRO A 185 23.60 5.30 -0.81
N LYS A 186 24.51 4.82 0.04
CA LYS A 186 25.71 5.57 0.36
C LYS A 186 26.82 5.15 -0.59
N THR A 187 27.08 6.01 -1.57
CA THR A 187 27.89 5.66 -2.72
C THR A 187 29.29 6.26 -2.70
N HIS A 188 30.20 5.63 -3.44
CA HIS A 188 31.56 6.15 -3.63
C HIS A 188 32.27 5.33 -4.68
N MET A 189 33.42 5.82 -5.15
CA MET A 189 34.17 5.12 -6.19
C MET A 189 35.56 4.68 -5.73
N THR A 190 36.07 3.61 -6.30
CA THR A 190 37.46 3.24 -6.06
C THR A 190 38.21 3.11 -7.39
N HIS A 191 39.52 3.38 -7.35
CA HIS A 191 40.38 3.37 -8.52
C HIS A 191 41.59 2.45 -8.33
N HIS A 192 41.78 1.48 -9.22
CA HIS A 192 42.92 0.57 -9.12
C HIS A 192 43.60 0.39 -10.47
N ALA A 193 44.92 0.51 -10.50
CA ALA A 193 45.67 0.30 -11.73
C ALA A 193 45.71 -1.18 -12.11
N VAL A 194 45.11 -1.52 -13.24
CA VAL A 194 45.21 -2.87 -13.80
C VAL A 194 46.58 -3.05 -14.45
N SER A 195 47.15 -1.91 -14.86
CA SER A 195 48.49 -1.87 -15.44
C SER A 195 48.95 -0.42 -15.54
N ASP A 196 50.00 -0.20 -16.32
CA ASP A 196 50.54 1.14 -16.52
C ASP A 196 49.58 2.01 -17.34
N HIS A 197 48.77 1.35 -18.16
CA HIS A 197 47.91 2.04 -19.11
C HIS A 197 46.42 1.82 -18.85
N GLU A 198 46.11 1.07 -17.79
CA GLU A 198 44.72 0.75 -17.48
C GLU A 198 44.39 0.83 -15.99
N ALA A 199 43.21 1.37 -15.70
CA ALA A 199 42.70 1.50 -14.34
C ALA A 199 41.29 0.95 -14.27
N THR A 200 40.91 0.47 -13.09
CA THR A 200 39.58 -0.08 -12.88
C THR A 200 38.82 0.87 -11.99
N LEU A 201 37.77 1.47 -12.54
CA LEU A 201 36.87 2.29 -11.76
C LEU A 201 35.78 1.39 -11.22
N ARG A 202 35.55 1.44 -9.90
CA ARG A 202 34.49 0.67 -9.27
C ARG A 202 33.52 1.56 -8.51
N CYS A 203 32.25 1.42 -8.84
CA CYS A 203 31.21 2.27 -8.30
C CYS A 203 30.43 1.50 -7.24
N TRP A 204 30.42 2.02 -6.02
CA TRP A 204 29.76 1.35 -4.90
C TRP A 204 28.43 1.99 -4.51
N ALA A 205 27.40 1.16 -4.38
CA ALA A 205 26.17 1.54 -3.68
C ALA A 205 26.06 0.70 -2.42
N LEU A 206 26.29 1.33 -1.28
CA LEU A 206 26.25 0.60 -0.03
C LEU A 206 25.02 0.92 0.80
N SER A 207 24.58 -0.06 1.57
CA SER A 207 23.67 0.15 2.68
C SER A 207 22.31 0.75 2.31
N PHE A 208 21.66 0.20 1.29
CA PHE A 208 20.36 0.72 0.87
C PHE A 208 19.20 -0.24 1.14
N TYR A 209 18.00 0.29 1.03
CA TYR A 209 16.77 -0.48 1.20
C TYR A 209 15.65 0.27 0.50
N PRO A 210 14.87 -0.42 -0.34
CA PRO A 210 14.88 -1.85 -0.66
C PRO A 210 15.98 -2.24 -1.63
N ALA A 211 16.12 -3.53 -1.85
CA ALA A 211 17.14 -4.09 -2.74
C ALA A 211 17.19 -3.50 -4.15
N GLU A 212 16.03 -3.20 -4.73
CA GLU A 212 15.99 -2.70 -6.10
C GLU A 212 16.82 -1.40 -6.28
N ILE A 213 17.75 -1.44 -7.22
CA ILE A 213 18.68 -0.35 -7.46
C ILE A 213 19.16 -0.46 -8.90
N THR A 214 19.67 0.64 -9.45
CA THR A 214 20.24 0.57 -10.78
C THR A 214 21.59 1.27 -10.84
N LEU A 215 22.61 0.53 -11.24
CA LEU A 215 23.97 1.04 -11.40
C LEU A 215 24.41 0.92 -12.85
N THR A 216 24.63 2.04 -13.50
CA THR A 216 25.12 2.01 -14.86
C THR A 216 26.39 2.84 -14.94
N TRP A 217 27.34 2.42 -15.77
CA TRP A 217 28.49 3.25 -16.09
C TRP A 217 28.26 3.85 -17.48
N GLN A 218 28.78 5.04 -17.68
CA GLN A 218 28.63 5.73 -18.95
C GLN A 218 29.93 6.42 -19.33
N ARG A 219 30.18 6.56 -20.62
CA ARG A 219 31.35 7.26 -21.08
C ARG A 219 30.97 8.33 -22.07
N ASP A 220 31.15 9.58 -21.68
CA ASP A 220 30.70 10.69 -22.51
C ASP A 220 29.26 10.41 -22.90
N GLY A 221 28.47 9.96 -21.91
CA GLY A 221 27.04 9.75 -22.09
C GLY A 221 26.62 8.40 -22.66
N GLU A 222 27.58 7.67 -23.22
CA GLU A 222 27.26 6.39 -23.85
C GLU A 222 27.39 5.24 -22.86
N ASP A 223 26.28 4.53 -22.64
CA ASP A 223 26.23 3.40 -21.73
C ASP A 223 27.28 2.34 -22.06
N GLN A 224 28.04 1.92 -21.05
CA GLN A 224 29.11 0.99 -21.27
C GLN A 224 28.67 -0.38 -20.85
N THR A 225 27.36 -0.58 -20.84
CA THR A 225 26.76 -1.76 -20.22
C THR A 225 27.39 -3.12 -20.59
N GLN A 226 28.06 -3.18 -21.73
CA GLN A 226 28.69 -4.42 -22.16
C GLN A 226 30.09 -4.61 -21.59
N ASP A 227 30.76 -3.52 -21.25
CA ASP A 227 32.11 -3.59 -20.73
C ASP A 227 32.10 -3.32 -19.23
N THR A 228 30.91 -3.39 -18.65
CA THR A 228 30.69 -3.16 -17.24
C THR A 228 30.57 -4.48 -16.48
N GLU A 229 31.40 -4.69 -15.46
CA GLU A 229 31.19 -5.80 -14.53
C GLU A 229 30.26 -5.40 -13.38
N LEU A 230 29.31 -6.28 -13.11
CA LEU A 230 28.20 -5.92 -12.25
C LEU A 230 27.77 -7.14 -11.48
N VAL A 231 27.95 -7.09 -10.16
CA VAL A 231 27.61 -8.23 -9.33
C VAL A 231 26.16 -8.15 -8.87
N GLU A 232 25.62 -9.33 -8.53
CA GLU A 232 24.32 -9.41 -7.91
C GLU A 232 24.24 -8.49 -6.70
N THR A 233 23.11 -7.80 -6.58
CA THR A 233 22.78 -7.12 -5.34
C THR A 233 22.85 -8.15 -4.24
N ARG A 234 23.53 -7.81 -3.16
CA ARG A 234 23.81 -8.76 -2.09
C ARG A 234 23.39 -8.17 -0.75
N PRO A 235 23.05 -9.04 0.21
CA PRO A 235 22.65 -8.65 1.56
C PRO A 235 23.86 -8.22 2.39
N ALA A 236 23.73 -7.14 3.14
CA ALA A 236 24.79 -6.74 4.05
C ALA A 236 24.67 -7.55 5.34
N GLY A 237 23.44 -7.94 5.67
CA GLY A 237 23.21 -8.78 6.83
C GLY A 237 22.55 -8.01 7.95
N ASP A 238 22.29 -6.73 7.68
CA ASP A 238 21.77 -5.84 8.70
C ASP A 238 20.43 -5.28 8.28
N GLY A 239 19.85 -5.89 7.26
CA GLY A 239 18.62 -5.36 6.69
C GLY A 239 18.85 -4.36 5.57
N THR A 240 20.10 -4.21 5.13
CA THR A 240 20.40 -3.38 3.97
C THR A 240 21.18 -4.15 2.89
N PHE A 241 21.29 -3.56 1.70
CA PHE A 241 21.87 -4.27 0.57
C PHE A 241 23.04 -3.51 -0.02
N GLN A 242 23.90 -4.21 -0.75
CA GLN A 242 25.03 -3.59 -1.43
C GLN A 242 25.09 -3.99 -2.91
N LYS A 243 25.92 -3.28 -3.66
CA LYS A 243 26.06 -3.53 -5.08
C LYS A 243 27.14 -2.64 -5.68
N TRP A 244 27.83 -3.14 -6.69
CA TRP A 244 28.81 -2.32 -7.36
C TRP A 244 28.90 -2.69 -8.83
N ALA A 245 29.40 -1.74 -9.62
CA ALA A 245 29.66 -1.95 -11.04
C ALA A 245 31.05 -1.41 -11.34
N ALA A 246 31.85 -2.20 -12.04
CA ALA A 246 33.20 -1.77 -12.37
C ALA A 246 33.41 -1.68 -13.89
N VAL A 247 34.25 -0.74 -14.31
CA VAL A 247 34.69 -0.66 -15.69
C VAL A 247 36.20 -0.60 -15.69
N VAL A 248 36.81 -1.17 -16.73
CA VAL A 248 38.24 -1.03 -16.90
C VAL A 248 38.51 0.09 -17.89
N VAL A 249 39.17 1.12 -17.40
CA VAL A 249 39.35 2.38 -18.10
C VAL A 249 40.81 2.64 -18.44
N PRO A 250 41.08 3.31 -19.59
CA PRO A 250 42.44 3.73 -19.94
C PRO A 250 42.91 4.89 -19.07
N SER A 251 44.07 4.75 -18.43
CA SER A 251 44.63 5.83 -17.64
C SER A 251 44.58 7.10 -18.47
N GLY A 252 44.02 8.16 -17.88
CA GLY A 252 43.96 9.43 -18.56
C GLY A 252 42.57 9.77 -19.08
N GLN A 253 41.64 8.83 -18.90
CA GLN A 253 40.26 9.05 -19.34
C GLN A 253 39.27 8.88 -18.20
N GLU A 254 39.78 8.79 -16.98
CA GLU A 254 38.92 8.62 -15.80
C GLU A 254 37.78 9.63 -15.85
N GLN A 255 38.06 10.79 -16.43
CA GLN A 255 37.14 11.90 -16.47
C GLN A 255 35.94 11.69 -17.41
N ARG A 256 36.08 10.81 -18.38
CA ARG A 256 35.04 10.62 -19.39
C ARG A 256 33.92 9.72 -18.89
N TYR A 257 34.08 9.18 -17.69
CA TYR A 257 33.17 8.15 -17.19
C TYR A 257 32.34 8.62 -16.02
N THR A 258 31.05 8.29 -16.06
CA THR A 258 30.16 8.63 -14.97
C THR A 258 29.49 7.35 -14.49
N CYS A 259 29.20 7.30 -13.21
CA CYS A 259 28.39 6.23 -12.65
C CYS A 259 27.05 6.81 -12.24
N HIS A 260 25.98 6.19 -12.69
CA HIS A 260 24.65 6.70 -12.41
C HIS A 260 23.91 5.70 -11.52
N VAL A 261 23.36 6.21 -10.42
CA VAL A 261 22.71 5.35 -9.46
C VAL A 261 21.28 5.80 -9.31
N GLN A 262 20.34 4.86 -9.38
CA GLN A 262 18.93 5.16 -9.20
C GLN A 262 18.29 4.24 -8.17
N HIS A 263 17.64 4.83 -7.17
CA HIS A 263 16.99 4.07 -6.13
C HIS A 263 15.72 4.76 -5.64
N GLU A 264 14.89 4.03 -4.91
CA GLU A 264 13.65 4.58 -4.39
C GLU A 264 13.91 5.61 -3.29
N GLY A 265 15.03 5.44 -2.59
CA GLY A 265 15.40 6.34 -1.51
C GLY A 265 16.24 7.51 -2.00
N LEU A 266 16.09 7.85 -3.27
CA LEU A 266 16.83 8.96 -3.85
C LEU A 266 15.92 9.87 -4.66
N PRO A 267 15.95 11.16 -4.33
CA PRO A 267 15.13 12.15 -5.04
C PRO A 267 15.63 12.42 -6.45
N LYS A 268 16.94 12.32 -6.64
CA LYS A 268 17.54 12.56 -7.95
C LYS A 268 18.70 11.60 -8.20
N PRO A 269 18.52 10.71 -9.19
CA PRO A 269 19.56 9.74 -9.54
C PRO A 269 20.97 10.33 -9.42
N LEU A 270 21.76 9.80 -8.51
CA LEU A 270 23.12 10.28 -8.30
C LEU A 270 23.97 10.11 -9.55
N THR A 271 24.92 11.01 -9.74
CA THR A 271 25.92 10.86 -10.77
C THR A 271 27.30 11.04 -10.17
N LEU A 272 28.16 10.06 -10.38
CA LEU A 272 29.49 10.05 -9.79
C LEU A 272 30.58 9.99 -10.87
N ARG A 273 31.61 10.82 -10.72
CA ARG A 273 32.79 10.80 -11.60
C ARG A 273 34.05 10.57 -10.78
N TRP A 274 35.11 10.11 -11.43
CA TRP A 274 36.39 10.13 -10.77
C TRP A 274 37.01 11.51 -10.98
N GLU A 275 36.57 12.47 -10.18
CA GLU A 275 36.93 13.86 -10.41
C GLU A 275 36.78 14.70 -9.14
N MSE B 1 16.90 -34.04 -13.79
CA MSE B 1 17.11 -33.30 -12.56
C MSE B 1 17.83 -31.98 -12.82
O MSE B 1 18.95 -31.96 -13.35
CB MSE B 1 17.91 -34.14 -11.56
CG MSE B 1 17.15 -35.34 -11.02
SE MSE B 1 18.23 -36.42 -9.81
CE MSE B 1 18.28 -35.23 -8.28
N ILE B 2 17.18 -30.87 -12.47
CA ILE B 2 17.75 -29.55 -12.67
C ILE B 2 18.87 -29.28 -11.67
N GLN B 3 19.97 -28.70 -12.16
CA GLN B 3 21.12 -28.39 -11.32
C GLN B 3 21.78 -27.08 -11.75
N ARG B 4 22.00 -26.20 -10.79
CA ARG B 4 22.63 -24.91 -11.06
C ARG B 4 23.95 -24.76 -10.31
N THR B 5 24.75 -23.79 -10.71
CA THR B 5 26.03 -23.53 -10.08
C THR B 5 25.97 -22.32 -9.16
N PRO B 6 26.60 -22.44 -7.99
CA PRO B 6 26.60 -21.34 -7.01
C PRO B 6 27.43 -20.15 -7.47
N LYS B 7 26.86 -18.96 -7.35
CA LYS B 7 27.66 -17.76 -7.41
C LYS B 7 28.22 -17.55 -6.01
N ILE B 8 29.44 -17.05 -5.91
CA ILE B 8 30.03 -16.84 -4.60
C ILE B 8 30.60 -15.44 -4.50
N GLN B 9 30.18 -14.71 -3.47
CA GLN B 9 30.71 -13.37 -3.18
C GLN B 9 31.25 -13.33 -1.77
N VAL B 10 32.52 -12.94 -1.62
CA VAL B 10 33.12 -12.79 -0.31
C VAL B 10 33.40 -11.32 -0.02
N TYR B 11 32.65 -10.76 0.92
CA TYR B 11 32.77 -9.35 1.24
C TYR B 11 32.51 -9.09 2.70
N SER B 12 32.88 -7.90 3.16
CA SER B 12 32.58 -7.46 4.52
C SER B 12 31.29 -6.65 4.58
N ARG B 13 30.60 -6.73 5.71
CA ARG B 13 29.37 -5.96 5.93
C ARG B 13 29.61 -4.47 5.77
N HIS B 14 30.65 -3.97 6.44
CA HIS B 14 31.03 -2.56 6.32
C HIS B 14 32.40 -2.45 5.68
N PRO B 15 32.74 -1.26 5.18
CA PRO B 15 34.07 -1.06 4.62
C PRO B 15 35.17 -1.45 5.62
N ALA B 16 36.08 -2.32 5.19
CA ALA B 16 37.12 -2.87 6.06
C ALA B 16 38.14 -1.84 6.50
N GLU B 17 38.31 -1.72 7.81
CA GLU B 17 39.34 -0.88 8.38
C GLU B 17 40.03 -1.67 9.49
N ASN B 18 41.26 -2.09 9.23
CA ASN B 18 42.01 -2.86 10.21
C ASN B 18 41.75 -2.38 11.64
N GLY B 19 41.39 -3.31 12.52
CA GLY B 19 41.22 -2.99 13.92
C GLY B 19 39.82 -2.53 14.28
N LYS B 20 38.85 -2.84 13.44
CA LYS B 20 37.48 -2.45 13.74
C LYS B 20 36.51 -3.62 13.50
N SER B 21 35.59 -3.80 14.44
CA SER B 21 34.64 -4.90 14.37
C SER B 21 33.86 -4.86 13.06
N ASN B 22 33.68 -6.03 12.45
CA ASN B 22 32.97 -6.14 11.17
C ASN B 22 32.37 -7.54 11.02
N PHE B 23 31.54 -7.71 9.99
CA PHE B 23 31.01 -9.03 9.67
C PHE B 23 31.52 -9.49 8.32
N LEU B 24 32.03 -10.71 8.27
CA LEU B 24 32.54 -11.29 7.02
C LEU B 24 31.45 -12.12 6.35
N ASN B 25 30.93 -11.62 5.24
CA ASN B 25 29.82 -12.28 4.55
C ASN B 25 30.26 -13.18 3.41
N CYS B 26 29.59 -14.31 3.28
CA CYS B 26 29.72 -15.16 2.11
C CYS B 26 28.31 -15.36 1.58
N TYR B 27 28.02 -14.76 0.44
CA TYR B 27 26.70 -14.84 -0.13
C TYR B 27 26.73 -15.80 -1.30
N VAL B 28 25.91 -16.83 -1.25
CA VAL B 28 25.89 -17.84 -2.30
C VAL B 28 24.50 -17.89 -2.91
N SER B 29 24.43 -17.79 -4.23
CA SER B 29 23.15 -17.65 -4.94
C SER B 29 23.17 -18.32 -6.30
N GLY B 30 21.99 -18.52 -6.87
CA GLY B 30 21.86 -19.03 -8.22
C GLY B 30 22.14 -20.50 -8.38
N PHE B 31 22.09 -21.26 -7.27
CA PHE B 31 22.37 -22.70 -7.29
C PHE B 31 21.16 -23.62 -7.05
N HIS B 32 21.22 -24.80 -7.65
CA HIS B 32 20.24 -25.85 -7.45
C HIS B 32 20.96 -27.19 -7.64
N PRO B 33 20.75 -28.16 -6.73
CA PRO B 33 19.85 -28.17 -5.57
C PRO B 33 20.35 -27.35 -4.38
N SER B 34 19.72 -27.54 -3.23
CA SER B 34 20.04 -26.73 -2.06
C SER B 34 21.16 -27.28 -1.21
N ASP B 35 21.47 -28.56 -1.39
CA ASP B 35 22.58 -29.16 -0.67
C ASP B 35 23.83 -28.39 -1.00
N ILE B 36 24.29 -27.61 -0.03
CA ILE B 36 25.49 -26.80 -0.21
C ILE B 36 26.38 -26.84 1.03
N GLU B 37 27.67 -27.09 0.83
CA GLU B 37 28.64 -26.97 1.90
C GLU B 37 29.26 -25.59 1.77
N VAL B 38 29.15 -24.77 2.80
CA VAL B 38 29.83 -23.49 2.79
C VAL B 38 30.64 -23.28 4.06
N ASP B 39 31.93 -22.98 3.89
CA ASP B 39 32.84 -22.79 5.01
C ASP B 39 33.59 -21.46 4.91
N LEU B 40 33.70 -20.77 6.04
CA LEU B 40 34.56 -19.58 6.11
C LEU B 40 35.92 -19.98 6.66
N LEU B 41 36.97 -19.37 6.13
CA LEU B 41 38.33 -19.75 6.53
C LEU B 41 39.14 -18.52 6.93
N LYS B 42 40.03 -18.70 7.92
CA LYS B 42 40.98 -17.67 8.27
C LYS B 42 42.40 -18.23 8.14
N ASN B 43 43.21 -17.61 7.30
CA ASN B 43 44.56 -18.09 7.08
C ASN B 43 44.63 -19.60 6.82
N GLY B 44 43.67 -20.11 6.07
CA GLY B 44 43.69 -21.50 5.64
C GLY B 44 43.15 -22.49 6.64
N GLU B 45 42.30 -22.02 7.54
CA GLU B 45 41.74 -22.91 8.56
C GLU B 45 40.33 -22.49 8.91
N ARG B 46 39.43 -23.48 9.02
CA ARG B 46 38.00 -23.22 9.17
C ARG B 46 37.59 -22.43 10.42
N ILE B 47 36.99 -21.26 10.20
CA ILE B 47 36.39 -20.51 11.30
C ILE B 47 35.18 -21.28 11.81
N GLU B 48 35.16 -21.59 13.09
CA GLU B 48 34.13 -22.45 13.66
C GLU B 48 32.83 -21.74 14.02
N LYS B 49 32.94 -20.53 14.55
CA LYS B 49 31.78 -19.72 14.87
C LYS B 49 31.28 -19.00 13.62
N VAL B 50 30.29 -19.57 12.94
CA VAL B 50 29.78 -19.00 11.69
C VAL B 50 28.30 -19.26 11.47
N GLU B 51 27.46 -18.23 11.64
CA GLU B 51 26.02 -18.37 11.38
C GLU B 51 25.68 -18.29 9.89
N HIS B 52 24.40 -18.47 9.57
CA HIS B 52 23.91 -18.38 8.19
C HIS B 52 22.42 -18.07 8.12
N SER B 53 21.96 -17.59 6.98
CA SER B 53 20.56 -17.19 6.82
C SER B 53 19.66 -18.38 6.53
N ASP B 54 18.36 -18.15 6.54
CA ASP B 54 17.39 -19.19 6.25
C ASP B 54 17.30 -19.35 4.75
N LEU B 55 17.18 -20.58 4.28
CA LEU B 55 17.09 -20.83 2.85
C LEU B 55 15.96 -20.02 2.18
N SER B 56 16.24 -19.54 0.98
CA SER B 56 15.24 -18.84 0.20
C SER B 56 15.67 -18.92 -1.27
N PHE B 57 14.82 -18.48 -2.18
CA PHE B 57 15.15 -18.57 -3.61
C PHE B 57 14.73 -17.35 -4.42
N SER B 58 15.13 -17.33 -5.68
CA SER B 58 14.94 -16.17 -6.54
C SER B 58 13.71 -16.31 -7.43
N LYS B 59 13.65 -15.51 -8.48
CA LYS B 59 12.55 -15.60 -9.42
C LYS B 59 12.72 -16.78 -10.35
N ASP B 60 13.94 -17.32 -10.41
CA ASP B 60 14.23 -18.50 -11.22
C ASP B 60 14.23 -19.77 -10.37
N TRP B 61 13.87 -19.62 -9.10
CA TRP B 61 13.80 -20.75 -8.17
C TRP B 61 15.16 -21.16 -7.61
N SER B 62 16.25 -20.69 -8.24
CA SER B 62 17.58 -20.95 -7.71
C SER B 62 17.67 -20.48 -6.27
N PHE B 63 18.52 -21.12 -5.48
CA PHE B 63 18.60 -20.81 -4.05
C PHE B 63 19.65 -19.76 -3.70
N TYR B 64 19.51 -19.17 -2.51
CA TYR B 64 20.54 -18.28 -1.96
C TYR B 64 20.61 -18.31 -0.45
N LEU B 65 21.81 -18.11 0.07
CA LEU B 65 22.10 -18.20 1.49
C LEU B 65 23.21 -17.23 1.84
N LEU B 66 23.06 -16.49 2.93
CA LEU B 66 24.16 -15.67 3.41
C LEU B 66 24.85 -16.36 4.57
N TYR B 67 26.16 -16.52 4.45
CA TYR B 67 27.00 -17.05 5.52
C TYR B 67 27.91 -15.93 6.04
N TYR B 68 27.88 -15.69 7.34
CA TYR B 68 28.58 -14.55 7.91
C TYR B 68 29.16 -14.91 9.26
N THR B 69 30.14 -14.14 9.69
CA THR B 69 30.69 -14.26 11.03
C THR B 69 31.35 -12.96 11.43
N GLU B 70 31.18 -12.58 12.69
CA GLU B 70 31.82 -11.37 13.19
C GLU B 70 33.31 -11.58 13.12
N PHE B 71 34.03 -10.53 12.75
CA PHE B 71 35.48 -10.61 12.64
C PHE B 71 36.10 -9.22 12.65
N THR B 72 37.41 -9.15 12.85
CA THR B 72 38.12 -7.87 12.83
C THR B 72 39.34 -7.95 11.93
N PRO B 73 39.33 -7.17 10.84
CA PRO B 73 40.34 -7.23 9.80
C PRO B 73 41.71 -6.76 10.29
N THR B 74 42.76 -7.41 9.82
CA THR B 74 44.12 -6.95 10.10
C THR B 74 44.89 -6.91 8.79
N GLU B 75 46.11 -6.40 8.86
CA GLU B 75 46.91 -6.17 7.67
C GLU B 75 47.47 -7.46 7.07
N LYS B 76 47.45 -8.54 7.84
CA LYS B 76 48.12 -9.77 7.41
C LYS B 76 47.22 -11.00 7.29
N ASP B 77 46.10 -11.00 8.00
CA ASP B 77 45.13 -12.10 7.92
C ASP B 77 44.53 -12.23 6.52
N GLU B 78 44.52 -13.45 6.00
CA GLU B 78 43.85 -13.72 4.75
C GLU B 78 42.58 -14.50 5.05
N TYR B 79 41.44 -13.97 4.59
CA TYR B 79 40.17 -14.65 4.79
C TYR B 79 39.65 -15.18 3.46
N ALA B 80 39.03 -16.36 3.49
CA ALA B 80 38.47 -16.99 2.30
C ALA B 80 37.14 -17.67 2.59
N CYS B 81 36.48 -18.15 1.54
CA CYS B 81 35.20 -18.83 1.67
C CYS B 81 35.17 -20.10 0.82
N ARG B 82 34.83 -21.21 1.45
CA ARG B 82 34.86 -22.52 0.81
C ARG B 82 33.46 -23.00 0.50
N VAL B 83 33.20 -23.32 -0.76
CA VAL B 83 31.89 -23.82 -1.15
C VAL B 83 31.97 -25.14 -1.90
N ASN B 84 31.20 -26.11 -1.46
CA ASN B 84 30.99 -27.32 -2.24
C ASN B 84 29.52 -27.50 -2.61
N HIS B 85 29.30 -27.94 -3.83
CA HIS B 85 27.97 -28.20 -4.35
C HIS B 85 28.11 -29.36 -5.33
N VAL B 86 27.01 -30.02 -5.67
CA VAL B 86 27.05 -31.11 -6.64
C VAL B 86 27.67 -30.64 -7.96
N THR B 87 27.31 -29.44 -8.40
CA THR B 87 27.81 -28.91 -9.66
C THR B 87 29.30 -28.65 -9.62
N LEU B 88 29.91 -28.83 -8.44
CA LEU B 88 31.31 -28.47 -8.27
C LEU B 88 32.22 -29.69 -8.27
N SER B 89 32.98 -29.83 -9.36
CA SER B 89 33.93 -30.93 -9.51
C SER B 89 34.85 -31.04 -8.30
N GLN B 90 34.84 -30.01 -7.46
CA GLN B 90 35.63 -29.97 -6.23
C GLN B 90 35.39 -28.62 -5.56
N PRO B 91 35.55 -28.56 -4.23
CA PRO B 91 35.30 -27.31 -3.51
C PRO B 91 35.96 -26.12 -4.19
N LYS B 92 35.33 -24.96 -4.12
CA LYS B 92 35.92 -23.76 -4.67
C LYS B 92 36.36 -22.81 -3.56
N ILE B 93 37.54 -22.22 -3.71
CA ILE B 93 38.08 -21.32 -2.69
C ILE B 93 38.19 -19.89 -3.17
N VAL B 94 37.41 -19.02 -2.54
CA VAL B 94 37.37 -17.60 -2.86
C VAL B 94 37.95 -16.76 -1.72
N LYS B 95 39.09 -16.14 -1.97
CA LYS B 95 39.69 -15.25 -0.97
C LYS B 95 38.90 -13.96 -0.92
N TRP B 96 38.79 -13.38 0.27
CA TRP B 96 38.10 -12.11 0.43
C TRP B 96 38.98 -10.98 -0.06
N ASP B 97 38.44 -10.16 -0.96
CA ASP B 97 39.13 -8.96 -1.41
C ASP B 97 38.47 -7.72 -0.78
N ARG B 98 39.28 -6.89 -0.14
CA ARG B 98 38.78 -5.68 0.51
C ARG B 98 37.89 -4.88 -0.44
N ASP B 99 38.38 -4.67 -1.66
CA ASP B 99 37.64 -3.91 -2.67
C ASP B 99 36.79 -4.84 -3.53
N MSE B 100 35.98 -5.67 -2.89
CA MSE B 100 35.12 -6.61 -3.60
C MSE B 100 33.95 -7.05 -2.73
O MSE B 100 33.72 -6.49 -1.66
OXT MSE B 100 33.43 -8.20 -2.78
CB MSE B 100 35.92 -7.81 -4.08
CG MSE B 100 37.01 -7.48 -5.10
SE MSE B 100 37.17 -8.84 -6.49
CE MSE B 100 37.67 -7.68 -7.98
N ALA C 1 0.71 -13.11 7.86
CA ALA C 1 0.04 -14.33 8.32
C ALA C 1 -0.11 -15.36 7.21
N MET C 2 0.47 -16.52 7.45
CA MET C 2 0.43 -17.64 6.51
C MET C 2 -0.99 -17.94 6.05
N ASP C 3 -1.08 -18.85 5.08
CA ASP C 3 -2.38 -19.29 4.58
C ASP C 3 -2.80 -20.57 5.27
N SER C 4 -4.08 -20.66 5.62
CA SER C 4 -4.60 -21.80 6.39
C SER C 4 -4.96 -23.02 5.57
N ASN C 5 -5.06 -22.85 4.25
CA ASN C 5 -5.54 -23.93 3.39
C ASN C 5 -4.52 -25.04 3.11
N THR C 6 -4.86 -26.26 3.51
CA THR C 6 -4.15 -27.46 3.08
C THR C 6 -4.23 -27.56 1.56
N LEU C 7 -3.10 -27.74 0.89
CA LEU C 7 -3.14 -27.75 -0.56
C LEU C 7 -2.22 -28.81 -1.16
N GLU C 8 -2.81 -29.88 -1.67
CA GLU C 8 -2.04 -31.03 -2.14
C GLU C 8 -2.01 -31.16 -3.65
N LEU C 9 -0.85 -31.53 -4.19
CA LEU C 9 -0.63 -31.59 -5.63
C LEU C 9 -1.19 -32.86 -6.23
N GLY D 1 -10.90 -0.79 12.10
CA GLY D 1 -9.58 -1.25 12.48
C GLY D 1 -8.72 -0.13 13.05
N SER D 2 -8.08 0.62 12.16
CA SER D 2 -7.43 1.87 12.53
C SER D 2 -8.51 2.93 12.44
N HIS D 3 -8.26 4.10 13.01
CA HIS D 3 -9.22 5.18 12.97
C HIS D 3 -8.53 6.50 12.71
N SER D 4 -9.25 7.46 12.15
CA SER D 4 -8.70 8.79 11.92
C SER D 4 -9.59 9.87 12.50
N MET D 5 -9.04 11.07 12.57
CA MET D 5 -9.80 12.25 12.93
C MET D 5 -9.28 13.34 12.01
N ARG D 6 -10.19 14.09 11.40
CA ARG D 6 -9.76 15.12 10.46
C ARG D 6 -10.64 16.35 10.51
N TYR D 7 -10.00 17.50 10.34
CA TYR D 7 -10.73 18.76 10.25
C TYR D 7 -10.50 19.38 8.88
N PHE D 8 -11.60 19.81 8.27
CA PHE D 8 -11.56 20.41 6.94
C PHE D 8 -11.95 21.89 6.98
N PHE D 9 -11.07 22.75 6.47
CA PHE D 9 -11.32 24.17 6.54
C PHE D 9 -11.35 24.78 5.15
N THR D 10 -12.46 25.43 4.83
CA THR D 10 -12.63 26.10 3.56
C THR D 10 -12.90 27.57 3.81
N SER D 11 -12.23 28.42 3.03
CA SER D 11 -12.41 29.85 3.20
C SER D 11 -12.45 30.52 1.85
N VAL D 12 -13.62 31.01 1.47
CA VAL D 12 -13.81 31.63 0.17
C VAL D 12 -14.04 33.13 0.31
N SER D 13 -13.05 33.92 -0.08
CA SER D 13 -13.17 35.37 -0.01
C SER D 13 -14.33 35.84 -0.87
N ARG D 14 -15.14 36.74 -0.33
CA ARG D 14 -16.18 37.40 -1.11
C ARG D 14 -15.85 38.88 -1.30
N PRO D 15 -14.92 39.19 -2.22
CA PRO D 15 -14.45 40.56 -2.46
C PRO D 15 -15.58 41.47 -2.93
N GLY D 16 -16.07 42.32 -2.04
CA GLY D 16 -17.13 43.26 -2.38
C GLY D 16 -18.51 42.78 -1.98
N ARG D 17 -18.57 41.64 -1.30
CA ARG D 17 -19.82 41.09 -0.81
C ARG D 17 -19.67 40.50 0.60
N GLY D 18 -18.78 41.09 1.39
CA GLY D 18 -18.69 40.76 2.80
C GLY D 18 -17.39 40.10 3.21
N GLU D 19 -17.43 39.39 4.33
CA GLU D 19 -16.27 38.69 4.85
C GLU D 19 -16.05 37.35 4.16
N PRO D 20 -14.80 36.86 4.18
CA PRO D 20 -14.50 35.51 3.70
C PRO D 20 -15.46 34.50 4.29
N ARG D 21 -16.10 33.70 3.43
CA ARG D 21 -16.97 32.63 3.89
C ARG D 21 -16.11 31.47 4.43
N PHE D 22 -16.25 31.22 5.72
CA PHE D 22 -15.45 30.20 6.37
C PHE D 22 -16.32 29.04 6.81
N ILE D 23 -15.83 27.82 6.60
CA ILE D 23 -16.59 26.63 6.94
C ILE D 23 -15.69 25.51 7.45
N ALA D 24 -16.08 24.93 8.57
CA ALA D 24 -15.27 23.88 9.16
C ALA D 24 -16.11 22.65 9.45
N VAL D 25 -15.55 21.48 9.16
CA VAL D 25 -16.17 20.22 9.54
C VAL D 25 -15.12 19.27 10.09
N GLY D 26 -15.51 18.46 11.05
CA GLY D 26 -14.62 17.47 11.62
C GLY D 26 -15.14 16.09 11.33
N TYR D 27 -14.24 15.15 11.07
CA TYR D 27 -14.64 13.77 10.82
C TYR D 27 -13.95 12.83 11.79
N VAL D 28 -14.71 11.89 12.30
CA VAL D 28 -14.14 10.72 12.93
C VAL D 28 -14.41 9.61 11.94
N ASP D 29 -13.35 9.11 11.31
CA ASP D 29 -13.50 8.19 10.19
C ASP D 29 -14.40 8.82 9.13
N ASP D 30 -15.53 8.17 8.88
CA ASP D 30 -16.47 8.64 7.88
C ASP D 30 -17.66 9.35 8.53
N THR D 31 -17.69 9.31 9.86
CA THR D 31 -18.76 9.95 10.60
C THR D 31 -18.36 11.36 10.98
N GLN D 32 -19.14 12.32 10.51
CA GLN D 32 -18.96 13.70 10.94
C GLN D 32 -19.52 13.91 12.36
N PHE D 33 -18.93 14.84 13.11
CA PHE D 33 -19.39 15.09 14.47
C PHE D 33 -19.61 16.57 14.81
N VAL D 34 -18.87 17.45 14.17
CA VAL D 34 -18.98 18.89 14.44
C VAL D 34 -18.99 19.67 13.14
N ARG D 35 -19.48 20.91 13.19
CA ARG D 35 -19.44 21.81 12.04
C ARG D 35 -19.33 23.24 12.52
N PHE D 36 -19.05 24.14 11.58
CA PHE D 36 -19.10 25.56 11.85
C PHE D 36 -19.26 26.27 10.53
N ASP D 37 -20.05 27.33 10.54
CA ASP D 37 -20.33 28.07 9.32
C ASP D 37 -20.41 29.56 9.65
N SER D 38 -19.62 30.36 8.95
CA SER D 38 -19.64 31.80 9.16
C SER D 38 -21.04 32.34 8.82
N ASP D 39 -21.58 31.95 7.67
CA ASP D 39 -22.89 32.43 7.25
C ASP D 39 -24.02 31.89 8.12
N ALA D 40 -23.67 31.12 9.15
CA ALA D 40 -24.66 30.54 10.05
C ALA D 40 -25.03 31.50 11.19
N ALA D 41 -26.05 31.13 11.96
CA ALA D 41 -26.58 31.99 13.02
C ALA D 41 -25.79 31.93 14.32
N SER D 42 -25.68 30.73 14.88
CA SER D 42 -25.15 30.55 16.22
C SER D 42 -23.70 31.02 16.38
N GLN D 43 -22.99 31.19 15.27
CA GLN D 43 -21.62 31.62 15.35
C GLN D 43 -20.84 30.71 16.28
N ARG D 44 -21.36 29.50 16.47
CA ARG D 44 -20.68 28.49 17.27
C ARG D 44 -20.38 27.27 16.42
N MET D 45 -19.52 26.41 16.95
CA MET D 45 -19.35 25.06 16.47
C MET D 45 -20.61 24.31 16.88
N GLU D 46 -21.07 23.39 16.04
CA GLU D 46 -22.26 22.63 16.37
C GLU D 46 -22.07 21.14 16.20
N PRO D 47 -22.76 20.37 17.04
CA PRO D 47 -22.75 18.90 17.00
C PRO D 47 -23.47 18.41 15.75
N ARG D 48 -22.87 17.44 15.07
CA ARG D 48 -23.46 16.87 13.86
C ARG D 48 -23.98 15.46 14.12
N ALA D 49 -23.51 14.86 15.21
CA ALA D 49 -23.92 13.51 15.57
C ALA D 49 -24.48 13.47 16.99
N PRO D 50 -25.03 12.32 17.39
CA PRO D 50 -25.60 12.15 18.72
C PRO D 50 -24.59 11.60 19.71
N TRP D 51 -23.32 11.57 19.32
CA TRP D 51 -22.26 11.06 20.18
C TRP D 51 -21.30 12.17 20.59
N ILE D 52 -21.73 13.41 20.42
CA ILE D 52 -20.90 14.57 20.78
C ILE D 52 -21.77 15.65 21.44
N GLU D 53 -23.09 15.51 21.29
CA GLU D 53 -24.05 16.53 21.74
C GLU D 53 -24.04 16.80 23.24
N GLN D 54 -23.33 15.97 24.00
CA GLN D 54 -23.32 16.12 25.45
C GLN D 54 -21.91 16.10 26.00
N GLU D 55 -21.05 16.93 25.43
CA GLU D 55 -19.64 16.95 25.81
C GLU D 55 -19.36 17.89 26.99
N GLY D 56 -20.06 19.02 27.04
CA GLY D 56 -19.85 20.00 28.09
C GLY D 56 -19.64 21.41 27.55
N PRO D 57 -20.10 22.43 28.29
CA PRO D 57 -20.00 23.81 27.80
C PRO D 57 -18.53 24.18 27.64
N GLU D 58 -17.70 23.57 28.49
CA GLU D 58 -16.26 23.77 28.42
C GLU D 58 -15.72 23.35 27.05
N TYR D 59 -16.18 22.21 26.56
CA TYR D 59 -15.81 21.71 25.24
C TYR D 59 -16.34 22.65 24.16
N TRP D 60 -17.66 22.82 24.12
CA TRP D 60 -18.31 23.60 23.08
C TRP D 60 -17.78 25.04 23.00
N ASP D 61 -17.43 25.61 24.14
CA ASP D 61 -16.90 26.96 24.16
C ASP D 61 -15.44 26.97 23.71
N GLY D 62 -14.69 25.95 24.14
CA GLY D 62 -13.29 25.80 23.78
C GLY D 62 -13.07 25.64 22.29
N GLU D 63 -13.90 24.82 21.66
CA GLU D 63 -13.79 24.61 20.22
C GLU D 63 -14.27 25.85 19.45
N THR D 64 -15.34 26.48 19.93
CA THR D 64 -15.86 27.67 19.26
C THR D 64 -14.79 28.74 19.20
N ARG D 65 -14.21 29.01 20.37
CA ARG D 65 -13.16 30.00 20.46
C ARG D 65 -12.05 29.64 19.48
N LYS D 66 -11.77 28.34 19.36
CA LYS D 66 -10.70 27.87 18.50
C LYS D 66 -11.04 28.01 17.01
N VAL D 67 -12.24 27.57 16.60
CA VAL D 67 -12.64 27.68 15.21
C VAL D 67 -12.72 29.14 14.76
N LYS D 68 -13.20 30.00 15.65
CA LYS D 68 -13.27 31.43 15.36
C LYS D 68 -11.88 32.00 15.12
N ALA D 69 -10.91 31.49 15.86
CA ALA D 69 -9.51 31.84 15.63
C ALA D 69 -9.11 31.49 14.20
N HIS D 70 -9.29 30.22 13.84
CA HIS D 70 -8.98 29.75 12.50
C HIS D 70 -9.70 30.59 11.46
N SER D 71 -10.95 30.93 11.75
CA SER D 71 -11.74 31.78 10.86
C SER D 71 -10.92 33.00 10.47
N GLN D 72 -10.38 33.66 11.48
CA GLN D 72 -9.60 34.88 11.32
C GLN D 72 -8.28 34.63 10.59
N THR D 73 -7.52 33.61 11.01
CA THR D 73 -6.26 33.26 10.36
C THR D 73 -6.40 33.15 8.85
N HIS D 74 -7.38 32.37 8.40
CA HIS D 74 -7.65 32.19 6.98
C HIS D 74 -8.05 33.51 6.34
N ARG D 75 -8.73 34.34 7.13
CA ARG D 75 -9.14 35.66 6.67
C ARG D 75 -7.88 36.44 6.27
N VAL D 76 -6.86 36.34 7.11
CA VAL D 76 -5.58 36.98 6.82
C VAL D 76 -4.89 36.27 5.66
N ASP D 77 -5.07 34.95 5.58
CA ASP D 77 -4.38 34.14 4.59
C ASP D 77 -4.80 34.49 3.17
N LEU D 78 -6.09 34.74 2.98
CA LEU D 78 -6.56 35.13 1.65
C LEU D 78 -5.89 36.42 1.18
N GLY D 79 -5.62 37.31 2.12
CA GLY D 79 -4.87 38.52 1.82
C GLY D 79 -3.45 38.17 1.41
N THR D 80 -2.72 37.48 2.28
CA THR D 80 -1.33 37.12 2.03
C THR D 80 -1.10 36.49 0.65
N LEU D 81 -2.02 35.61 0.25
CA LEU D 81 -1.88 34.88 -1.01
C LEU D 81 -2.25 35.72 -2.23
N ARG D 82 -3.27 36.54 -2.10
CA ARG D 82 -3.59 37.50 -3.15
C ARG D 82 -2.33 38.31 -3.42
N GLY D 83 -1.72 38.80 -2.34
CA GLY D 83 -0.46 39.52 -2.43
C GLY D 83 0.64 38.70 -3.07
N TYR D 84 1.03 37.60 -2.42
CA TYR D 84 2.06 36.71 -2.95
C TYR D 84 1.92 36.55 -4.47
N TYR D 85 0.74 36.11 -4.89
CA TYR D 85 0.54 35.68 -6.26
C TYR D 85 0.21 36.81 -7.22
N ASN D 86 0.15 38.02 -6.69
CA ASN D 86 -0.07 39.19 -7.51
C ASN D 86 -1.42 39.10 -8.23
N GLN D 87 -2.48 38.89 -7.45
CA GLN D 87 -3.82 38.73 -7.98
C GLN D 87 -4.69 39.95 -7.69
N SER D 88 -5.71 40.16 -8.52
CA SER D 88 -6.62 41.28 -8.32
C SER D 88 -7.43 41.09 -7.04
N GLU D 89 -7.72 42.20 -6.38
CA GLU D 89 -8.55 42.18 -5.17
C GLU D 89 -10.02 42.07 -5.53
N ALA D 90 -10.30 41.81 -6.81
CA ALA D 90 -11.66 41.69 -7.30
C ALA D 90 -12.12 40.23 -7.31
N GLY D 91 -11.30 39.37 -7.90
CA GLY D 91 -11.63 37.96 -8.06
C GLY D 91 -11.75 37.20 -6.74
N SER D 92 -12.63 36.20 -6.72
CA SER D 92 -12.82 35.39 -5.53
C SER D 92 -11.86 34.20 -5.56
N HIS D 93 -11.27 33.90 -4.42
CA HIS D 93 -10.30 32.82 -4.32
C HIS D 93 -10.58 31.99 -3.08
N THR D 94 -10.07 30.76 -3.07
CA THR D 94 -10.36 29.84 -1.98
C THR D 94 -9.09 29.39 -1.28
N VAL D 95 -9.18 29.19 0.03
CA VAL D 95 -8.13 28.50 0.77
C VAL D 95 -8.71 27.22 1.37
N GLN D 96 -7.92 26.16 1.35
CA GLN D 96 -8.32 24.90 1.94
C GLN D 96 -7.23 24.34 2.86
N ARG D 97 -7.66 23.80 3.99
CA ARG D 97 -6.73 23.31 4.98
C ARG D 97 -7.26 22.01 5.55
N MET D 98 -6.36 21.05 5.78
CA MET D 98 -6.75 19.76 6.27
C MET D 98 -5.66 19.20 7.16
N TYR D 99 -6.01 18.88 8.40
CA TYR D 99 -5.11 18.13 9.25
C TYR D 99 -5.89 17.04 9.98
N GLY D 100 -5.17 16.07 10.53
CA GLY D 100 -5.78 14.97 11.25
C GLY D 100 -4.72 14.03 11.79
N CYS D 101 -5.17 12.90 12.34
CA CYS D 101 -4.28 11.87 12.90
C CYS D 101 -4.90 10.48 12.79
N ASP D 102 -4.05 9.46 12.87
CA ASP D 102 -4.51 8.08 12.79
C ASP D 102 -3.92 7.28 13.94
N VAL D 103 -4.66 6.25 14.37
CA VAL D 103 -4.15 5.35 15.38
C VAL D 103 -4.30 3.92 14.86
N GLY D 104 -3.44 3.03 15.34
CA GLY D 104 -3.52 1.64 14.97
C GLY D 104 -4.79 0.99 15.51
N SER D 105 -4.81 -0.33 15.56
CA SER D 105 -5.89 -1.03 16.25
C SER D 105 -5.63 -1.00 17.75
N ASP D 106 -4.43 -0.55 18.12
CA ASP D 106 -4.07 -0.37 19.51
C ASP D 106 -4.32 1.06 19.94
N TRP D 107 -4.98 1.83 19.07
CA TRP D 107 -5.33 3.21 19.38
C TRP D 107 -4.09 4.04 19.69
N ARG D 108 -2.92 3.50 19.38
CA ARG D 108 -1.69 4.25 19.51
C ARG D 108 -1.31 4.95 18.20
N PHE D 109 -0.68 6.11 18.32
CA PHE D 109 -0.41 6.99 17.19
C PHE D 109 0.19 6.31 15.97
N LEU D 110 -0.46 6.50 14.82
CA LEU D 110 -0.01 5.92 13.57
C LEU D 110 0.69 6.98 12.72
N ARG D 111 -0.03 8.04 12.38
CA ARG D 111 0.53 9.12 11.57
C ARG D 111 -0.32 10.38 11.70
N GLY D 112 0.26 11.51 11.34
CA GLY D 112 -0.45 12.78 11.33
C GLY D 112 -0.19 13.54 10.05
N TYR D 113 -1.10 14.42 9.67
CA TYR D 113 -0.98 15.17 8.43
C TYR D 113 -1.52 16.59 8.54
N HIS D 114 -1.01 17.47 7.69
CA HIS D 114 -1.44 18.87 7.67
C HIS D 114 -1.15 19.49 6.29
N GLN D 115 -2.17 19.63 5.45
CA GLN D 115 -1.96 20.15 4.11
C GLN D 115 -2.79 21.37 3.82
N TYR D 116 -2.21 22.30 3.07
CA TYR D 116 -2.90 23.50 2.61
C TYR D 116 -3.00 23.44 1.09
N ALA D 117 -3.99 24.15 0.54
CA ALA D 117 -4.13 24.29 -0.90
C ALA D 117 -4.76 25.64 -1.23
N TYR D 118 -4.22 26.33 -2.22
CA TYR D 118 -4.80 27.60 -2.66
C TYR D 118 -5.44 27.45 -4.04
N ASP D 119 -6.75 27.67 -4.11
CA ASP D 119 -7.50 27.55 -5.35
C ASP D 119 -7.46 26.13 -5.93
N GLY D 120 -7.75 25.14 -5.09
CA GLY D 120 -7.81 23.75 -5.52
C GLY D 120 -6.48 23.11 -5.85
N LYS D 121 -5.40 23.89 -5.87
CA LYS D 121 -4.09 23.33 -6.18
C LYS D 121 -3.18 23.32 -4.94
N ASP D 122 -2.41 22.24 -4.76
CA ASP D 122 -1.52 22.10 -3.61
C ASP D 122 -0.66 23.34 -3.34
N TYR D 123 -0.56 23.72 -2.06
CA TYR D 123 0.26 24.86 -1.66
C TYR D 123 1.43 24.41 -0.80
N ILE D 124 1.12 23.92 0.39
CA ILE D 124 2.12 23.37 1.29
C ILE D 124 1.54 22.21 2.09
N ALA D 125 2.41 21.29 2.51
CA ALA D 125 1.96 20.11 3.25
C ALA D 125 3.05 19.62 4.19
N LEU D 126 2.64 19.23 5.38
CA LEU D 126 3.58 18.69 6.37
C LEU D 126 4.00 17.29 5.96
N LYS D 127 5.30 17.02 6.00
CA LYS D 127 5.81 15.71 5.59
C LYS D 127 5.56 14.65 6.66
N GLU D 128 5.63 13.38 6.26
CA GLU D 128 5.31 12.25 7.14
C GLU D 128 5.92 12.36 8.54
N ASP D 129 7.11 12.94 8.63
CA ASP D 129 7.85 12.98 9.89
C ASP D 129 7.41 14.12 10.83
N LEU D 130 6.53 14.98 10.35
CA LEU D 130 6.02 16.08 11.16
C LEU D 130 7.18 16.97 11.59
N ARG D 131 8.15 17.14 10.70
CA ARG D 131 9.33 17.94 11.00
C ARG D 131 9.83 18.69 9.77
N SER D 132 9.03 18.68 8.70
CA SER D 132 9.49 19.23 7.43
C SER D 132 8.35 19.55 6.49
N TRP D 133 8.58 20.50 5.59
CA TRP D 133 7.53 20.99 4.72
C TRP D 133 7.75 20.72 3.24
N THR D 134 6.65 20.67 2.49
CA THR D 134 6.68 20.49 1.06
C THR D 134 5.92 21.64 0.40
N ALA D 135 6.68 22.60 -0.11
CA ALA D 135 6.11 23.74 -0.81
C ALA D 135 5.93 23.36 -2.27
N ALA D 136 4.87 23.87 -2.89
CA ALA D 136 4.52 23.50 -4.26
C ALA D 136 5.07 24.47 -5.30
N ASP D 137 5.44 25.67 -4.86
CA ASP D 137 5.99 26.66 -5.79
C ASP D 137 6.78 27.74 -5.06
N MET D 138 6.91 28.89 -5.71
CA MET D 138 7.69 29.99 -5.15
C MET D 138 7.07 30.53 -3.86
N ALA D 139 5.86 31.06 -3.96
CA ALA D 139 5.14 31.62 -2.81
C ALA D 139 5.09 30.63 -1.64
N ALA D 140 4.93 29.35 -1.96
CA ALA D 140 4.93 28.32 -0.94
C ALA D 140 6.24 28.35 -0.17
N GLN D 141 7.36 28.39 -0.88
CA GLN D 141 8.69 28.41 -0.25
C GLN D 141 8.84 29.47 0.83
N THR D 142 8.36 30.67 0.55
CA THR D 142 8.40 31.76 1.53
C THR D 142 7.75 31.30 2.84
N THR D 143 6.56 30.72 2.70
CA THR D 143 5.81 30.20 3.83
C THR D 143 6.63 29.14 4.56
N LYS D 144 7.27 28.27 3.78
CA LYS D 144 8.09 27.19 4.31
C LYS D 144 9.13 27.73 5.29
N HIS D 145 9.86 28.76 4.88
CA HIS D 145 10.81 29.40 5.77
C HIS D 145 10.11 29.98 6.98
N LYS D 146 9.12 30.84 6.73
CA LYS D 146 8.44 31.54 7.81
C LYS D 146 7.99 30.61 8.94
N TRP D 147 7.60 29.39 8.58
CA TRP D 147 7.13 28.44 9.60
C TRP D 147 8.26 27.62 10.21
N GLU D 148 9.34 27.45 9.45
CA GLU D 148 10.53 26.80 10.00
C GLU D 148 11.11 27.68 11.09
N ALA D 149 11.31 28.94 10.76
CA ALA D 149 11.79 29.91 11.73
C ALA D 149 10.81 29.93 12.90
N ALA D 150 9.51 29.90 12.59
CA ALA D 150 8.48 29.96 13.61
C ALA D 150 8.47 28.71 14.50
N HIS D 151 9.12 27.66 14.01
CA HIS D 151 9.13 26.36 14.70
C HIS D 151 7.74 25.73 14.76
N VAL D 152 6.93 26.04 13.75
CA VAL D 152 5.56 25.54 13.65
C VAL D 152 5.53 24.02 13.66
N ALA D 153 6.43 23.40 12.91
CA ALA D 153 6.47 21.95 12.79
C ALA D 153 6.37 21.24 14.13
N GLU D 154 7.11 21.74 15.11
CA GLU D 154 7.14 21.14 16.44
C GLU D 154 5.79 21.30 17.14
N GLN D 155 5.14 22.44 16.93
CA GLN D 155 3.84 22.72 17.52
C GLN D 155 2.80 21.74 17.00
N LEU D 156 2.84 21.48 15.69
CA LEU D 156 1.93 20.53 15.09
C LEU D 156 2.19 19.11 15.60
N ARG D 157 3.45 18.68 15.53
CA ARG D 157 3.83 17.36 16.02
C ARG D 157 3.30 17.09 17.43
N ALA D 158 3.22 18.14 18.23
CA ALA D 158 2.74 18.02 19.60
C ALA D 158 1.22 17.88 19.67
N TYR D 159 0.50 18.57 18.80
CA TYR D 159 -0.95 18.46 18.77
C TYR D 159 -1.41 17.17 18.08
N LEU D 160 -0.70 16.79 17.02
CA LEU D 160 -1.05 15.58 16.28
C LEU D 160 -0.79 14.33 17.11
N GLU D 161 0.08 14.46 18.10
CA GLU D 161 0.48 13.31 18.90
C GLU D 161 -0.02 13.41 20.33
N GLY D 162 -0.76 14.47 20.63
CA GLY D 162 -1.29 14.69 21.96
C GLY D 162 -2.80 14.86 22.02
N THR D 163 -3.25 16.08 21.75
CA THR D 163 -4.69 16.38 21.77
C THR D 163 -5.45 15.51 20.77
N CYS D 164 -4.85 15.30 19.59
CA CYS D 164 -5.52 14.59 18.51
C CYS D 164 -5.77 13.13 18.86
N VAL D 165 -4.70 12.39 19.14
CA VAL D 165 -4.85 10.99 19.53
C VAL D 165 -5.67 10.92 20.80
N GLU D 166 -5.46 11.88 21.69
CA GLU D 166 -6.22 11.96 22.92
C GLU D 166 -7.71 11.99 22.60
N TRP D 167 -8.16 13.08 21.99
CA TRP D 167 -9.59 13.25 21.75
C TRP D 167 -10.19 12.25 20.78
N LEU D 168 -9.36 11.73 19.88
CA LEU D 168 -9.80 10.68 18.98
C LEU D 168 -10.24 9.46 19.81
N ARG D 169 -9.35 8.97 20.67
CA ARG D 169 -9.68 7.85 21.55
C ARG D 169 -10.91 8.16 22.41
N ARG D 170 -11.03 9.41 22.84
CA ARG D 170 -12.18 9.83 23.62
C ARG D 170 -13.48 9.65 22.83
N TYR D 171 -13.50 10.14 21.60
CA TYR D 171 -14.70 10.04 20.77
C TYR D 171 -15.05 8.59 20.47
N LEU D 172 -14.02 7.77 20.27
CA LEU D 172 -14.24 6.36 19.92
C LEU D 172 -15.03 5.63 20.99
N GLU D 173 -14.93 6.10 22.23
CA GLU D 173 -15.71 5.54 23.32
C GLU D 173 -17.06 6.23 23.44
N ASN D 174 -17.05 7.56 23.36
CA ASN D 174 -18.28 8.37 23.35
C ASN D 174 -19.30 7.89 22.34
N GLY D 175 -18.87 7.67 21.10
CA GLY D 175 -19.76 7.20 20.06
C GLY D 175 -19.42 5.78 19.66
N LYS D 176 -19.17 4.94 20.65
CA LYS D 176 -18.73 3.57 20.39
C LYS D 176 -19.69 2.77 19.51
N GLU D 177 -20.98 2.92 19.77
CA GLU D 177 -21.99 2.22 18.98
C GLU D 177 -22.04 2.77 17.55
N THR D 178 -21.61 4.01 17.39
CA THR D 178 -21.59 4.66 16.10
C THR D 178 -20.26 4.42 15.41
N LEU D 179 -19.19 4.71 16.12
CA LEU D 179 -17.86 4.75 15.52
C LEU D 179 -17.18 3.40 15.37
N GLN D 180 -17.52 2.47 16.26
CA GLN D 180 -16.87 1.16 16.25
C GLN D 180 -17.74 0.08 15.63
N ARG D 181 -18.79 0.49 14.95
CA ARG D 181 -19.61 -0.47 14.22
C ARG D 181 -19.02 -0.66 12.83
N THR D 182 -19.36 -1.77 12.20
CA THR D 182 -19.21 -1.90 10.76
C THR D 182 -20.51 -2.44 10.22
N ASP D 183 -21.18 -1.64 9.39
CA ASP D 183 -22.41 -2.08 8.77
C ASP D 183 -22.09 -2.75 7.44
N ALA D 184 -22.24 -4.06 7.41
CA ALA D 184 -22.01 -4.81 6.18
C ALA D 184 -23.00 -4.31 5.12
N PRO D 185 -22.60 -4.38 3.84
CA PRO D 185 -23.50 -3.93 2.79
C PRO D 185 -24.72 -4.83 2.67
N LYS D 186 -25.85 -4.24 2.29
CA LYS D 186 -27.00 -5.03 1.92
C LYS D 186 -27.04 -5.08 0.40
N THR D 187 -26.65 -6.22 -0.14
CA THR D 187 -26.41 -6.36 -1.56
C THR D 187 -27.59 -7.01 -2.26
N HIS D 188 -27.80 -6.64 -3.52
CA HIS D 188 -28.77 -7.32 -4.37
C HIS D 188 -28.53 -6.90 -5.81
N MET D 189 -28.96 -7.72 -6.76
CA MET D 189 -28.75 -7.39 -8.15
C MET D 189 -30.07 -6.97 -8.76
N THR D 190 -29.99 -6.32 -9.92
CA THR D 190 -31.17 -6.01 -10.68
C THR D 190 -30.86 -6.28 -12.14
N HIS D 191 -31.90 -6.57 -12.92
CA HIS D 191 -31.74 -6.91 -14.32
C HIS D 191 -32.64 -6.01 -15.15
N HIS D 192 -32.06 -5.35 -16.14
CA HIS D 192 -32.84 -4.52 -17.05
C HIS D 192 -32.43 -4.78 -18.49
N ALA D 193 -33.41 -5.07 -19.33
CA ALA D 193 -33.16 -5.22 -20.74
C ALA D 193 -33.04 -3.85 -21.40
N VAL D 194 -31.86 -3.55 -21.91
CA VAL D 194 -31.64 -2.30 -22.65
C VAL D 194 -32.00 -2.51 -24.12
N SER D 195 -31.92 -3.76 -24.57
CA SER D 195 -32.43 -4.15 -25.88
C SER D 195 -32.98 -5.57 -25.80
N ASP D 196 -33.23 -6.17 -26.96
CA ASP D 196 -33.74 -7.54 -27.02
C ASP D 196 -32.62 -8.56 -26.91
N HIS D 197 -31.41 -8.12 -27.24
CA HIS D 197 -30.24 -8.99 -27.26
C HIS D 197 -29.26 -8.65 -26.13
N GLU D 198 -29.49 -7.51 -25.49
CA GLU D 198 -28.62 -7.07 -24.40
C GLU D 198 -29.39 -6.78 -23.12
N ALA D 199 -28.74 -7.06 -22.01
CA ALA D 199 -29.34 -6.85 -20.70
C ALA D 199 -28.33 -6.23 -19.75
N THR D 200 -28.81 -5.35 -18.88
CA THR D 200 -27.93 -4.73 -17.89
C THR D 200 -28.01 -5.46 -16.55
N LEU D 201 -26.84 -5.71 -15.98
CA LEU D 201 -26.73 -6.24 -14.63
C LEU D 201 -26.14 -5.19 -13.70
N ARG D 202 -26.91 -4.77 -12.71
CA ARG D 202 -26.40 -3.81 -11.75
C ARG D 202 -26.22 -4.44 -10.38
N CYS D 203 -25.04 -4.25 -9.79
CA CYS D 203 -24.72 -4.80 -8.48
C CYS D 203 -24.87 -3.72 -7.41
N TRP D 204 -25.68 -4.01 -6.41
CA TRP D 204 -26.03 -3.01 -5.41
C TRP D 204 -25.44 -3.32 -4.05
N ALA D 205 -24.75 -2.35 -3.47
CA ALA D 205 -24.29 -2.44 -2.09
C ALA D 205 -24.92 -1.30 -1.31
N LEU D 206 -25.70 -1.63 -0.27
CA LEU D 206 -26.49 -0.61 0.42
C LEU D 206 -26.25 -0.53 1.92
N SER D 207 -26.62 0.62 2.47
CA SER D 207 -26.45 0.95 3.87
C SER D 207 -25.23 0.33 4.54
N PHE D 208 -24.06 0.47 3.92
CA PHE D 208 -22.83 0.01 4.56
C PHE D 208 -22.07 1.12 5.28
N TYR D 209 -21.15 0.69 6.14
CA TYR D 209 -20.25 1.59 6.87
C TYR D 209 -19.12 0.70 7.38
N PRO D 210 -17.87 1.16 7.26
CA PRO D 210 -17.42 2.44 6.69
C PRO D 210 -17.57 2.48 5.16
N ALA D 211 -17.16 3.59 4.55
CA ALA D 211 -17.38 3.82 3.13
C ALA D 211 -16.58 2.92 2.20
N GLU D 212 -15.37 2.60 2.61
CA GLU D 212 -14.49 1.77 1.78
C GLU D 212 -15.17 0.46 1.39
N ILE D 213 -15.15 0.16 0.10
CA ILE D 213 -15.78 -1.04 -0.41
C ILE D 213 -15.20 -1.35 -1.79
N THR D 214 -15.23 -2.61 -2.20
CA THR D 214 -14.83 -2.96 -3.55
C THR D 214 -15.92 -3.76 -4.27
N LEU D 215 -16.44 -3.19 -5.35
CA LEU D 215 -17.37 -3.88 -6.24
C LEU D 215 -16.67 -4.20 -7.55
N THR D 216 -16.75 -5.46 -7.98
CA THR D 216 -16.21 -5.84 -9.29
C THR D 216 -17.13 -6.80 -10.05
N TRP D 217 -16.96 -6.86 -11.37
CA TRP D 217 -17.71 -7.78 -12.20
C TRP D 217 -16.74 -8.74 -12.85
N GLN D 218 -17.09 -10.02 -12.85
CA GLN D 218 -16.22 -11.04 -13.40
C GLN D 218 -16.95 -11.86 -14.46
N ARG D 219 -16.48 -11.75 -15.71
CA ARG D 219 -17.00 -12.63 -16.77
C ARG D 219 -16.21 -13.93 -16.85
N ASP D 220 -16.86 -15.02 -16.47
CA ASP D 220 -16.18 -16.31 -16.34
C ASP D 220 -15.18 -16.23 -15.19
N GLY D 221 -14.95 -15.02 -14.70
CA GLY D 221 -14.05 -14.79 -13.60
C GLY D 221 -12.96 -13.77 -13.90
N GLU D 222 -12.99 -13.20 -15.10
CA GLU D 222 -12.03 -12.16 -15.45
C GLU D 222 -12.61 -10.76 -15.23
N ASP D 223 -11.85 -9.90 -14.57
CA ASP D 223 -12.33 -8.59 -14.14
C ASP D 223 -12.66 -7.65 -15.29
N GLN D 224 -13.92 -7.25 -15.37
CA GLN D 224 -14.41 -6.39 -16.44
C GLN D 224 -14.11 -4.93 -16.15
N THR D 225 -13.07 -4.69 -15.37
CA THR D 225 -12.75 -3.35 -14.88
C THR D 225 -12.71 -2.30 -15.98
N GLN D 226 -12.59 -2.71 -17.23
CA GLN D 226 -12.58 -1.75 -18.33
C GLN D 226 -13.97 -1.53 -18.91
N ASP D 227 -14.84 -2.51 -18.73
CA ASP D 227 -16.18 -2.46 -19.29
C ASP D 227 -17.21 -2.46 -18.18
N THR D 228 -16.85 -1.83 -17.05
CA THR D 228 -17.71 -1.78 -15.89
C THR D 228 -17.98 -0.33 -15.47
N GLU D 229 -19.26 0.03 -15.37
CA GLU D 229 -19.65 1.35 -14.88
C GLU D 229 -19.71 1.38 -13.36
N LEU D 230 -18.96 2.31 -12.78
CA LEU D 230 -18.80 2.35 -11.34
C LEU D 230 -19.00 3.76 -10.83
N VAL D 231 -20.07 3.96 -10.05
CA VAL D 231 -20.33 5.27 -9.46
C VAL D 231 -19.50 5.48 -8.19
N GLU D 232 -19.23 6.73 -7.86
CA GLU D 232 -18.58 7.09 -6.61
C GLU D 232 -19.41 6.67 -5.42
N THR D 233 -18.75 6.20 -4.36
CA THR D 233 -19.46 5.88 -3.13
C THR D 233 -20.19 7.13 -2.65
N ARG D 234 -21.48 7.00 -2.36
CA ARG D 234 -22.27 8.14 -1.99
C ARG D 234 -22.92 7.99 -0.62
N PRO D 235 -23.20 9.11 0.04
CA PRO D 235 -23.88 9.06 1.35
C PRO D 235 -25.34 8.67 1.18
N ALA D 236 -25.86 7.92 2.14
CA ALA D 236 -27.29 7.64 2.18
C ALA D 236 -27.94 8.83 2.86
N GLY D 237 -27.19 9.50 3.72
CA GLY D 237 -27.70 10.60 4.49
C GLY D 237 -27.94 10.17 5.92
N ASP D 238 -28.14 8.87 6.11
CA ASP D 238 -28.41 8.32 7.43
C ASP D 238 -27.13 7.75 8.08
N GLY D 239 -25.99 8.16 7.57
CA GLY D 239 -24.73 7.76 8.17
C GLY D 239 -24.12 6.61 7.43
N THR D 240 -24.94 5.88 6.68
CA THR D 240 -24.43 4.79 5.88
C THR D 240 -24.16 5.23 4.43
N PHE D 241 -23.53 4.34 3.66
CA PHE D 241 -23.17 4.65 2.27
C PHE D 241 -23.74 3.66 1.25
N GLN D 242 -23.83 4.11 0.01
CA GLN D 242 -24.31 3.27 -1.09
C GLN D 242 -23.30 3.25 -2.23
N LYS D 243 -23.40 2.23 -3.07
CA LYS D 243 -22.57 2.15 -4.25
C LYS D 243 -23.16 1.09 -5.17
N TRP D 244 -23.05 1.30 -6.48
CA TRP D 244 -23.39 0.25 -7.43
C TRP D 244 -22.40 0.13 -8.59
N ALA D 245 -22.33 -1.06 -9.17
CA ALA D 245 -21.47 -1.32 -10.31
C ALA D 245 -22.29 -2.03 -11.37
N ALA D 246 -22.13 -1.66 -12.63
CA ALA D 246 -22.98 -2.21 -13.67
C ALA D 246 -22.18 -2.66 -14.88
N VAL D 247 -22.72 -3.68 -15.56
CA VAL D 247 -22.19 -4.15 -16.84
C VAL D 247 -23.34 -4.47 -17.78
N VAL D 248 -23.11 -4.29 -19.08
CA VAL D 248 -24.06 -4.75 -20.08
C VAL D 248 -23.69 -6.14 -20.56
N VAL D 249 -24.58 -7.09 -20.28
CA VAL D 249 -24.37 -8.49 -20.63
C VAL D 249 -25.33 -8.89 -21.75
N PRO D 250 -24.79 -9.40 -22.87
CA PRO D 250 -25.65 -9.90 -23.93
C PRO D 250 -26.58 -11.00 -23.41
N SER D 251 -27.87 -10.88 -23.72
CA SER D 251 -28.90 -11.76 -23.16
C SER D 251 -28.54 -13.24 -23.25
N GLY D 252 -28.74 -13.95 -22.14
CA GLY D 252 -28.42 -15.36 -22.07
C GLY D 252 -27.09 -15.61 -21.38
N GLN D 253 -26.23 -14.59 -21.37
CA GLN D 253 -24.91 -14.70 -20.78
C GLN D 253 -24.95 -14.46 -19.27
N GLU D 254 -26.14 -14.26 -18.73
CA GLU D 254 -26.30 -13.85 -17.33
C GLU D 254 -25.57 -14.74 -16.33
N GLN D 255 -25.34 -16.00 -16.68
CA GLN D 255 -24.65 -16.91 -15.77
C GLN D 255 -23.14 -16.72 -15.82
N ARG D 256 -22.64 -16.21 -16.94
CA ARG D 256 -21.21 -16.02 -17.14
C ARG D 256 -20.65 -14.82 -16.36
N TYR D 257 -21.53 -14.06 -15.71
CA TYR D 257 -21.10 -12.87 -14.98
C TYR D 257 -21.35 -12.98 -13.47
N THR D 258 -20.38 -12.53 -12.69
CA THR D 258 -20.50 -12.49 -11.24
C THR D 258 -20.11 -11.13 -10.70
N CYS D 259 -20.62 -10.80 -9.52
CA CYS D 259 -20.26 -9.55 -8.86
C CYS D 259 -19.65 -9.85 -7.51
N HIS D 260 -18.46 -9.30 -7.26
CA HIS D 260 -17.79 -9.54 -5.99
C HIS D 260 -17.74 -8.30 -5.14
N VAL D 261 -18.21 -8.45 -3.91
CA VAL D 261 -18.31 -7.34 -2.98
C VAL D 261 -17.29 -7.57 -1.90
N GLN D 262 -16.46 -6.57 -1.66
CA GLN D 262 -15.44 -6.65 -0.64
C GLN D 262 -15.62 -5.52 0.37
N HIS D 263 -15.89 -5.88 1.61
CA HIS D 263 -16.07 -4.91 2.67
C HIS D 263 -15.52 -5.41 4.00
N GLU D 264 -15.36 -4.48 4.92
CA GLU D 264 -14.75 -4.73 6.21
C GLU D 264 -15.71 -5.51 7.12
N GLY D 265 -16.99 -5.20 7.02
CA GLY D 265 -18.00 -5.86 7.83
C GLY D 265 -18.39 -7.24 7.33
N LEU D 266 -17.81 -7.65 6.22
CA LEU D 266 -18.06 -9.00 5.70
C LEU D 266 -17.06 -9.99 6.29
N PRO D 267 -17.57 -11.11 6.82
CA PRO D 267 -16.71 -12.21 7.29
C PRO D 267 -15.90 -12.69 6.11
N LYS D 268 -16.58 -12.96 5.00
CA LYS D 268 -15.94 -13.32 3.74
C LYS D 268 -16.60 -12.54 2.61
N PRO D 269 -15.86 -12.28 1.54
CA PRO D 269 -16.41 -11.58 0.37
C PRO D 269 -17.66 -12.26 -0.18
N LEU D 270 -18.51 -11.50 -0.85
CA LEU D 270 -19.71 -12.05 -1.48
C LEU D 270 -19.53 -12.18 -2.99
N THR D 271 -20.28 -13.12 -3.57
CA THR D 271 -20.32 -13.31 -5.01
C THR D 271 -21.77 -13.47 -5.44
N LEU D 272 -22.27 -12.51 -6.20
CA LEU D 272 -23.66 -12.56 -6.63
C LEU D 272 -23.78 -13.13 -8.04
N ARG D 273 -24.75 -14.03 -8.21
CA ARG D 273 -25.04 -14.63 -9.49
C ARG D 273 -26.51 -14.45 -9.83
N TRP D 274 -26.79 -13.78 -10.94
CA TRP D 274 -28.16 -13.70 -11.43
C TRP D 274 -28.62 -15.10 -11.80
N GLU D 275 -29.24 -15.79 -10.84
CA GLU D 275 -29.66 -17.16 -11.06
C GLU D 275 -30.44 -17.70 -9.88
N MSE E 1 -6.41 28.99 -12.47
CA MSE E 1 -7.73 28.89 -11.84
C MSE E 1 -8.31 27.48 -12.01
O MSE E 1 -9.16 27.25 -12.87
CB MSE E 1 -8.68 29.93 -12.43
CG MSE E 1 -10.00 30.05 -11.69
SE MSE E 1 -9.76 30.54 -9.81
CE MSE E 1 -9.64 32.48 -10.02
N ILE E 2 -7.84 26.55 -11.19
CA ILE E 2 -8.32 25.17 -11.24
C ILE E 2 -9.84 25.12 -11.27
N GLN E 3 -10.38 24.32 -12.18
CA GLN E 3 -11.82 24.17 -12.31
C GLN E 3 -12.21 22.73 -12.60
N ARG E 4 -13.18 22.21 -11.85
CA ARG E 4 -13.64 20.84 -12.03
C ARG E 4 -15.16 20.76 -12.01
N THR E 5 -15.74 20.30 -13.12
CA THR E 5 -17.19 20.18 -13.23
C THR E 5 -17.73 19.19 -12.21
N PRO E 6 -18.94 19.46 -11.71
CA PRO E 6 -19.58 18.59 -10.73
C PRO E 6 -19.96 17.24 -11.30
N LYS E 7 -19.66 16.17 -10.57
CA LYS E 7 -20.33 14.90 -10.79
C LYS E 7 -21.65 15.01 -10.05
N ILE E 8 -22.63 14.19 -10.42
CA ILE E 8 -23.98 14.33 -9.88
C ILE E 8 -24.71 13.01 -9.83
N GLN E 9 -25.23 12.67 -8.65
CA GLN E 9 -26.02 11.46 -8.51
C GLN E 9 -27.31 11.77 -7.80
N VAL E 10 -28.43 11.49 -8.48
CA VAL E 10 -29.73 11.61 -7.87
C VAL E 10 -30.21 10.23 -7.46
N TYR E 11 -30.62 10.08 -6.22
CA TYR E 11 -31.03 8.78 -5.69
C TYR E 11 -31.73 8.92 -4.33
N SER E 12 -32.28 7.82 -3.83
CA SER E 12 -33.02 7.85 -2.58
C SER E 12 -32.26 7.19 -1.41
N ARG E 13 -32.49 7.70 -0.20
CA ARG E 13 -31.90 7.14 0.99
C ARG E 13 -32.25 5.67 1.10
N HIS E 14 -33.50 5.35 0.85
CA HIS E 14 -33.97 3.96 0.88
C HIS E 14 -34.48 3.58 -0.48
N PRO E 15 -34.46 2.28 -0.78
CA PRO E 15 -35.09 1.79 -2.00
C PRO E 15 -36.50 2.36 -2.09
N ALA E 16 -36.88 2.85 -3.26
CA ALA E 16 -38.10 3.61 -3.42
C ALA E 16 -39.34 2.72 -3.43
N GLU E 17 -40.22 2.94 -2.46
CA GLU E 17 -41.49 2.25 -2.41
C GLU E 17 -42.62 3.25 -2.49
N ASN E 18 -43.35 3.23 -3.59
CA ASN E 18 -44.47 4.14 -3.76
C ASN E 18 -45.33 4.17 -2.51
N GLY E 19 -45.72 5.36 -2.10
CA GLY E 19 -46.55 5.51 -0.92
C GLY E 19 -45.80 5.51 0.40
N LYS E 20 -44.53 5.12 0.39
CA LYS E 20 -43.74 5.15 1.61
C LYS E 20 -42.69 6.27 1.60
N SER E 21 -42.78 7.14 2.60
CA SER E 21 -41.90 8.28 2.72
C SER E 21 -40.42 7.91 2.71
N ASN E 22 -39.62 8.80 2.13
CA ASN E 22 -38.22 8.53 1.93
C ASN E 22 -37.45 9.85 2.02
N PHE E 23 -36.18 9.82 1.63
CA PHE E 23 -35.40 11.05 1.46
C PHE E 23 -34.88 11.07 0.04
N LEU E 24 -34.99 12.22 -0.62
CA LEU E 24 -34.46 12.36 -1.97
C LEU E 24 -33.10 13.02 -1.99
N ASN E 25 -32.08 12.27 -2.37
CA ASN E 25 -30.73 12.78 -2.40
C ASN E 25 -30.29 13.32 -3.74
N CYS E 26 -29.39 14.31 -3.70
CA CYS E 26 -28.66 14.79 -4.85
C CYS E 26 -27.22 15.03 -4.42
N TYR E 27 -26.34 14.13 -4.81
CA TYR E 27 -24.96 14.19 -4.35
C TYR E 27 -24.07 14.78 -5.44
N VAL E 28 -23.61 16.01 -5.22
CA VAL E 28 -22.72 16.69 -6.15
C VAL E 28 -21.30 16.61 -5.61
N SER E 29 -20.34 16.26 -6.47
CA SER E 29 -18.97 16.09 -6.01
C SER E 29 -17.94 16.34 -7.11
N GLY E 30 -16.68 16.39 -6.69
CA GLY E 30 -15.56 16.55 -7.59
C GLY E 30 -15.54 17.89 -8.28
N PHE E 31 -16.08 18.91 -7.61
CA PHE E 31 -16.17 20.23 -8.20
C PHE E 31 -15.28 21.26 -7.54
N HIS E 32 -14.90 22.28 -8.32
CA HIS E 32 -14.11 23.41 -7.85
C HIS E 32 -14.32 24.54 -8.85
N PRO E 33 -14.63 25.76 -8.37
CA PRO E 33 -14.71 26.24 -6.99
C PRO E 33 -15.92 25.69 -6.25
N SER E 34 -16.08 26.12 -5.00
CA SER E 34 -17.14 25.62 -4.13
C SER E 34 -18.53 26.22 -4.42
N ASP E 35 -18.55 27.35 -5.11
CA ASP E 35 -19.82 27.99 -5.45
C ASP E 35 -20.61 27.10 -6.40
N ILE E 36 -21.75 26.62 -5.94
CA ILE E 36 -22.57 25.69 -6.71
C ILE E 36 -24.05 25.86 -6.40
N GLU E 37 -24.87 25.70 -7.44
CA GLU E 37 -26.30 25.90 -7.34
C GLU E 37 -27.05 24.59 -7.57
N VAL E 38 -27.67 24.08 -6.51
CA VAL E 38 -28.42 22.82 -6.58
C VAL E 38 -29.88 23.00 -6.17
N ASP E 39 -30.78 22.36 -6.92
CA ASP E 39 -32.21 22.40 -6.64
C ASP E 39 -32.85 21.06 -6.92
N LEU E 40 -33.68 20.61 -6.01
CA LEU E 40 -34.47 19.42 -6.23
C LEU E 40 -35.80 19.85 -6.83
N LEU E 41 -36.24 19.12 -7.86
CA LEU E 41 -37.51 19.42 -8.50
C LEU E 41 -38.53 18.30 -8.35
N LYS E 42 -39.78 18.67 -8.16
CA LYS E 42 -40.88 17.75 -8.31
C LYS E 42 -41.68 18.21 -9.53
N ASN E 43 -41.71 17.37 -10.56
CA ASN E 43 -42.39 17.72 -11.80
C ASN E 43 -41.92 19.09 -12.32
N GLY E 44 -40.64 19.17 -12.66
CA GLY E 44 -40.08 20.41 -13.16
C GLY E 44 -40.27 21.59 -12.23
N GLU E 45 -40.62 21.33 -10.97
CA GLU E 45 -40.84 22.43 -10.02
C GLU E 45 -39.95 22.38 -8.77
N ARG E 46 -39.55 23.54 -8.28
CA ARG E 46 -38.52 23.64 -7.24
C ARG E 46 -39.00 23.29 -5.82
N ILE E 47 -38.54 22.16 -5.30
CA ILE E 47 -38.85 21.77 -3.92
C ILE E 47 -38.15 22.70 -2.94
N GLU E 48 -38.91 23.24 -1.99
CA GLU E 48 -38.42 24.32 -1.13
C GLU E 48 -37.83 23.85 0.21
N LYS E 49 -38.46 22.86 0.84
CA LYS E 49 -37.95 22.32 2.11
C LYS E 49 -36.73 21.41 1.90
N VAL E 50 -35.72 21.95 1.21
CA VAL E 50 -34.52 21.19 0.89
C VAL E 50 -33.37 21.61 1.81
N GLU E 51 -32.73 20.63 2.43
CA GLU E 51 -31.56 20.89 3.26
C GLU E 51 -30.30 20.34 2.59
N HIS E 52 -29.14 20.67 3.16
CA HIS E 52 -27.88 20.20 2.61
C HIS E 52 -26.82 19.98 3.68
N SER E 53 -25.82 19.18 3.33
CA SER E 53 -24.73 18.87 4.24
C SER E 53 -23.81 20.07 4.38
N ASP E 54 -22.65 19.83 4.99
CA ASP E 54 -21.64 20.86 5.15
C ASP E 54 -20.56 20.65 4.10
N LEU E 55 -20.13 21.73 3.48
CA LEU E 55 -19.09 21.65 2.46
C LEU E 55 -17.85 20.93 3.01
N SER E 56 -17.45 19.86 2.33
CA SER E 56 -16.23 19.16 2.68
C SER E 56 -15.45 18.98 1.38
N PHE E 57 -14.36 18.23 1.42
CA PHE E 57 -13.64 17.96 0.17
C PHE E 57 -12.82 16.68 0.21
N SER E 58 -12.33 16.30 -0.97
CA SER E 58 -11.64 15.04 -1.20
C SER E 58 -10.14 15.23 -1.36
N LYS E 59 -9.40 14.13 -1.51
CA LYS E 59 -7.96 14.19 -1.47
C LYS E 59 -7.37 15.16 -2.49
N ASP E 60 -8.10 15.37 -3.58
CA ASP E 60 -7.66 16.30 -4.61
C ASP E 60 -8.31 17.67 -4.41
N TRP E 61 -8.73 17.94 -3.17
CA TRP E 61 -9.28 19.23 -2.76
C TRP E 61 -10.58 19.62 -3.46
N SER E 62 -11.16 18.71 -4.23
CA SER E 62 -12.43 18.99 -4.89
C SER E 62 -13.58 18.76 -3.93
N PHE E 63 -14.56 19.66 -3.94
CA PHE E 63 -15.61 19.69 -2.92
C PHE E 63 -16.73 18.69 -3.15
N TYR E 64 -17.48 18.39 -2.09
CA TYR E 64 -18.70 17.61 -2.25
C TYR E 64 -19.79 18.07 -1.28
N LEU E 65 -21.03 17.90 -1.70
CA LEU E 65 -22.20 18.34 -0.95
C LEU E 65 -23.37 17.41 -1.20
N LEU E 66 -24.13 17.10 -0.16
CA LEU E 66 -25.37 16.36 -0.35
C LEU E 66 -26.56 17.28 -0.14
N TYR E 67 -27.50 17.26 -1.09
CA TYR E 67 -28.77 17.95 -0.91
C TYR E 67 -29.82 16.87 -0.80
N TYR E 68 -30.83 17.10 0.02
CA TYR E 68 -31.84 16.10 0.29
C TYR E 68 -33.09 16.75 0.81
N THR E 69 -34.23 16.27 0.35
CA THR E 69 -35.50 16.66 0.92
C THR E 69 -36.22 15.37 1.29
N GLU E 70 -37.18 15.45 2.20
CA GLU E 70 -38.03 14.30 2.48
C GLU E 70 -39.10 14.25 1.39
N PHE E 71 -39.54 13.05 1.04
CA PHE E 71 -40.51 12.89 -0.06
C PHE E 71 -41.04 11.47 -0.12
N THR E 72 -42.11 11.27 -0.89
CA THR E 72 -42.71 9.95 -1.04
C THR E 72 -42.84 9.54 -2.50
N PRO E 73 -42.05 8.57 -2.95
CA PRO E 73 -42.16 8.16 -4.35
C PRO E 73 -43.62 7.86 -4.71
N THR E 74 -44.06 8.40 -5.84
CA THR E 74 -45.33 7.97 -6.43
C THR E 74 -45.02 7.39 -7.80
N GLU E 75 -45.80 6.41 -8.21
CA GLU E 75 -45.60 5.77 -9.50
C GLU E 75 -45.58 6.80 -10.64
N LYS E 76 -46.25 7.93 -10.44
CA LYS E 76 -46.41 8.92 -11.50
C LYS E 76 -45.55 10.20 -11.39
N ASP E 77 -45.25 10.64 -10.18
CA ASP E 77 -44.47 11.86 -10.00
C ASP E 77 -43.02 11.72 -10.48
N GLU E 78 -42.57 12.74 -11.21
CA GLU E 78 -41.19 12.77 -11.69
C GLU E 78 -40.35 13.73 -10.85
N TYR E 79 -39.17 13.26 -10.45
CA TYR E 79 -38.24 14.06 -9.67
C TYR E 79 -36.90 14.18 -10.39
N ALA E 80 -36.17 15.25 -10.11
CA ALA E 80 -34.87 15.49 -10.74
C ALA E 80 -34.03 16.48 -9.94
N CYS E 81 -32.80 16.70 -10.40
CA CYS E 81 -31.89 17.64 -9.75
C CYS E 81 -31.34 18.64 -10.74
N ARG E 82 -31.37 19.92 -10.38
CA ARG E 82 -30.84 20.98 -11.22
C ARG E 82 -29.55 21.53 -10.61
N VAL E 83 -28.45 21.42 -11.34
CA VAL E 83 -27.17 21.93 -10.85
C VAL E 83 -26.54 22.95 -11.81
N ASN E 84 -26.16 24.09 -11.26
CA ASN E 84 -25.44 25.09 -12.02
C ASN E 84 -24.09 25.35 -11.39
N HIS E 85 -23.08 25.51 -12.24
CA HIS E 85 -21.71 25.73 -11.80
C HIS E 85 -20.97 26.39 -12.95
N VAL E 86 -19.83 27.01 -12.64
CA VAL E 86 -19.10 27.80 -13.63
C VAL E 86 -18.60 26.97 -14.81
N THR E 87 -18.17 25.74 -14.53
CA THR E 87 -17.69 24.85 -15.58
C THR E 87 -18.84 24.39 -16.46
N LEU E 88 -20.04 24.89 -16.16
CA LEU E 88 -21.25 24.50 -16.87
C LEU E 88 -21.88 25.68 -17.60
N SER E 89 -21.71 25.71 -18.93
CA SER E 89 -22.26 26.78 -19.76
C SER E 89 -23.73 27.02 -19.46
N GLN E 90 -24.39 26.02 -18.88
CA GLN E 90 -25.79 26.11 -18.51
C GLN E 90 -26.15 25.04 -17.48
N PRO E 91 -27.28 25.21 -16.78
CA PRO E 91 -27.72 24.21 -15.79
C PRO E 91 -27.86 22.81 -16.39
N LYS E 92 -27.30 21.82 -15.68
CA LYS E 92 -27.49 20.41 -16.03
C LYS E 92 -28.59 19.83 -15.16
N ILE E 93 -29.55 19.16 -15.78
CA ILE E 93 -30.65 18.55 -15.03
C ILE E 93 -30.62 17.03 -15.08
N VAL E 94 -30.47 16.41 -13.91
CA VAL E 94 -30.42 14.96 -13.78
C VAL E 94 -31.74 14.46 -13.18
N LYS E 95 -32.42 13.58 -13.91
CA LYS E 95 -33.68 13.03 -13.46
C LYS E 95 -33.47 11.81 -12.56
N TRP E 96 -34.12 11.80 -11.41
CA TRP E 96 -34.00 10.69 -10.47
C TRP E 96 -34.31 9.36 -11.14
N ASP E 97 -33.59 8.31 -10.74
CA ASP E 97 -33.79 6.99 -11.32
C ASP E 97 -33.91 5.94 -10.22
N ARG E 98 -35.13 5.46 -9.99
CA ARG E 98 -35.38 4.45 -8.97
C ARG E 98 -34.26 3.42 -8.93
N ASP E 99 -33.92 2.87 -10.09
CA ASP E 99 -32.86 1.88 -10.19
C ASP E 99 -31.51 2.53 -10.46
N MSE E 100 -31.24 3.62 -9.75
CA MSE E 100 -29.97 4.33 -9.91
C MSE E 100 -29.58 5.05 -8.63
O MSE E 100 -28.99 4.46 -7.73
OXT MSE E 100 -29.85 6.25 -8.46
CB MSE E 100 -30.07 5.34 -11.07
CG MSE E 100 -30.24 4.69 -12.44
SE MSE E 100 -29.17 5.57 -13.82
CE MSE E 100 -28.83 4.02 -14.96
N ALA F 1 -11.07 17.16 19.20
CA ALA F 1 -10.76 18.55 19.53
C ALA F 1 -9.84 19.20 18.51
N MET F 2 -10.32 20.28 17.92
CA MET F 2 -9.57 21.08 16.97
C MET F 2 -8.23 21.50 17.57
N ASP F 3 -7.33 22.00 16.71
CA ASP F 3 -6.03 22.48 17.16
C ASP F 3 -6.18 23.86 17.79
N SER F 4 -5.17 24.26 18.57
CA SER F 4 -5.17 25.57 19.23
C SER F 4 -3.99 26.45 18.81
N ASN F 5 -3.85 26.71 17.51
CA ASN F 5 -2.81 27.62 17.02
C ASN F 5 -3.12 28.26 15.66
N THR F 6 -2.62 29.48 15.49
CA THR F 6 -2.89 30.28 14.30
C THR F 6 -2.22 29.71 13.05
N LEU F 7 -0.92 29.94 12.93
CA LEU F 7 -0.15 29.49 11.76
C LEU F 7 -0.56 30.21 10.49
N GLU F 8 -0.27 31.51 10.45
CA GLU F 8 -0.50 32.32 9.27
C GLU F 8 0.47 31.90 8.17
N LEU F 9 -0.04 31.78 6.94
CA LEU F 9 0.79 31.47 5.78
C LEU F 9 1.91 32.49 5.62
C1 GOL G . 6.99 -11.88 -7.30
O1 GOL G . 6.03 -11.95 -8.37
C2 GOL G . 7.87 -13.13 -7.37
O2 GOL G . 8.11 -13.42 -8.74
C3 GOL G . 9.19 -12.94 -6.60
O3 GOL G . 9.83 -14.18 -6.33
O1 MES H . 19.10 -10.33 -2.03
C2 MES H . 18.95 -11.67 -2.49
C3 MES H . 17.56 -11.89 -3.10
N4 MES H . 17.42 -10.88 -4.15
C5 MES H . 17.73 -9.49 -3.84
C6 MES H . 17.99 -9.47 -2.34
C7 MES H . 17.03 -11.28 -5.50
C8 MES H . 15.52 -10.94 -5.59
S MES H . 14.72 -12.07 -6.54
O1S MES H . 14.99 -13.00 -5.40
O2S MES H . 15.76 -11.82 -7.59
O3S MES H . 13.53 -11.17 -6.46
O1 MES I . -18.70 10.53 0.75
C2 MES I . -17.89 9.37 0.88
C3 MES I . -16.75 9.44 -0.16
N4 MES I . -15.94 10.49 0.41
C5 MES I . -16.61 11.73 0.80
C6 MES I . -17.99 11.62 0.16
C7 MES I . -14.53 10.29 0.70
C8 MES I . -13.73 11.00 -0.42
S MES I . -12.06 10.77 -0.21
O1S MES I . -12.32 9.30 -0.39
O2S MES I . -12.22 11.35 1.15
O3S MES I . -11.94 11.63 -1.42
#